data_8XXX
#
_entry.id   8XXX
#
_cell.length_a   1.00
_cell.length_b   1.00
_cell.length_c   1.00
_cell.angle_alpha   90.00
_cell.angle_beta   90.00
_cell.angle_gamma   90.00
#
_symmetry.space_group_name_H-M   'P 1'
#
loop_
_entity.id
_entity.type
_entity.pdbx_description
1 polymer 'C-X-C motif chemokine 6'
2 polymer 'C-X-C chemokine receptor type 2'
3 polymer 'Guanine nucleotide-binding protein G(o) subunit alpha'
4 polymer 'Guanine nucleotide-binding protein G(I)/G(S)/G(T) subunit beta-1'
5 polymer 'Guanine nucleotide-binding protein G(I)/G(S)/G(O) subunit gamma-2'
6 polymer 'Antibody fragment ScFv16'
#
loop_
_entity_poly.entity_id
_entity_poly.type
_entity_poly.pdbx_seq_one_letter_code
_entity_poly.pdbx_strand_id
1 'polypeptide(L)' GPVSAVLTELRCTCLRVTLRVNPKTIGKLQVFPAGPQCSKVEVVASLKNGKQVCLDPEAPFLKKVIQKILDSGNKKN D
2 'polypeptide(L)'
;MGKTIIALSYIFCLVFADYKDDDDAANFTPVNGSSGNQSVRLVTSSSLEVLFQGPGSEDFNMESDSFEDFWKGEDLSNYS
YSSTLPPFLLDAAPCEPESLEINKYFVVIIYALVFLLSLLGNSLVMLVILYSRVGRSVTDVYLLNLALADLLFALTLPIW
AASKVNGWIFGTFLCKVVSLLKEVNFYSGILLLACISVDRYLAIVHATRTLTQKRYLVKFICLSIWGLSLLLALPVLLFR
RTVYSSNVSPACYEDMGNNTANWRMLLRILPQSFGFIVPLLIMLFCYGFTLRTLFKAHMGQKHRAMRVIFAVVLIFLLCW
LPYNLVLLADTLMRTQVIQETCERRNHIDRALDATEILGILHSCLNPLIYAFIGQKFRHGLLKILAIHGLISKDSLPKDS
RPSFVGSSSGHTSTTL
;
R
3 'polypeptide(L)'
;MGHHHHHHENLYFQGTLSAEERAALERSKAIEKNLKEDGISAAKDVKLLLLGADNSGKSTIVKQMKIIHGGSGGSGGTTG
IVETHFTFKNLHFRLFDVGGQRSERKKWIHCFEDVTAIIFCVDLSDYNRMHESLMLFDSICNNKFFIDTSIILFLNKKDL
FGEKIKKSPLTICFPEYTGPNTYEDAAAYIQAQFESKNRSPNKEIYCHMTCATDTNNAQVIFDAVTDIIIANNLRGCGLY
;
A
4 'polypeptide(L)'
;MHHHHHHGSSGSELDQLRQEAEQLKNQIRDARKACADATLSQITNNIDPVGRIQMRTRRTLRGHLAKIYAMHWGTDSRLL
VSASQDGKLIIWDSYTTNKVHAIPLRSSWVMTCAYAPSGNYVACGGLDNICSIYNLKTREGNVRVSRELAGHTGYLSCCR
FLDDNQIVTSSGDTTCALWDIETGQQTTTFTGHTGDVMSLSLAPDTRLFVSGACDASAKLWDVREGMCRQTFTGHESDIN
AICFFPNGNAFATGSDDATCRLFDLRADQELMTYSHDNIICGITSVSFSKSGRLLLAGYDDFNCNVWDALKADRAGVLAG
HDNRVSCLGVTDDGMAVATGSWDSFLKIWN
;
B
5 'polypeptide(L)' MASNNTASIAQARKLVEQLKMEANIDRIKVSKAAADLMAYCEAHAKEDPLLTPVPASENPFREKKFFCAIL G
6 'polypeptide(L)'
;DVQLVESGGGLVQPGGSRKLSCSASGFAFSSFGMHWVRQAPEKGLEWVAYISSGSGTIYYADTVKGRFTISRDDPKNTLF
LQMTSLRSEDTAMYYCVRSIYYYGSSPFDFWGQGTTLTVSSGGGGSGGGGSGGGGSDIVMTQATSSVPVTPGESVSISCR
SSKSLLHSNGNTYLYWFLQRPGQSPQLLIYRMSNLASGVPDRFSGSGSGTAFTLTISRLEAEDVGVYYCMQHLEYPLTFG
AGTKLELK
;
S
#
# COMPACT_ATOMS: atom_id res chain seq x y z
N ALA A 5 -53.82 16.86 23.18
CA ALA A 5 -53.54 17.33 21.84
C ALA A 5 -52.20 16.80 21.34
N VAL A 6 -51.48 17.62 20.60
CA VAL A 6 -50.13 17.31 20.16
C VAL A 6 -49.41 18.62 19.87
N LEU A 7 -48.21 18.77 20.44
CA LEU A 7 -47.42 19.98 20.24
C LEU A 7 -45.94 19.60 20.30
N THR A 8 -45.14 20.26 19.46
CA THR A 8 -43.70 20.08 19.45
C THR A 8 -42.94 21.25 20.04
N GLU A 9 -43.57 22.42 20.14
CA GLU A 9 -42.99 23.60 20.76
C GLU A 9 -44.04 24.21 21.68
N LEU A 10 -44.06 23.75 22.93
CA LEU A 10 -45.01 24.30 23.90
C LEU A 10 -44.69 25.75 24.20
N ARG A 11 -45.74 26.56 24.31
CA ARG A 11 -45.59 27.99 24.51
C ARG A 11 -46.53 28.42 25.64
N CYS A 12 -46.41 29.69 26.04
CA CYS A 12 -47.24 30.20 27.12
C CYS A 12 -48.70 30.20 26.72
N THR A 13 -49.56 29.81 27.65
CA THR A 13 -50.99 29.70 27.42
C THR A 13 -51.68 31.07 27.35
N CYS A 14 -51.03 32.12 27.84
CA CYS A 14 -51.65 33.43 27.94
C CYS A 14 -50.77 34.46 27.24
N LEU A 15 -51.41 35.38 26.51
CA LEU A 15 -50.71 36.43 25.78
C LEU A 15 -50.81 37.78 26.44
N ARG A 16 -52.01 38.21 26.85
CA ARG A 16 -52.21 39.51 27.45
C ARG A 16 -53.03 39.36 28.72
N VAL A 17 -52.89 40.35 29.60
CA VAL A 17 -53.48 40.31 30.94
C VAL A 17 -54.58 41.35 31.04
N THR A 18 -55.70 40.93 31.64
CA THR A 18 -56.82 41.81 31.93
C THR A 18 -56.92 42.01 33.44
N LEU A 19 -57.02 43.27 33.86
CA LEU A 19 -57.12 43.60 35.28
C LEU A 19 -58.52 44.04 35.68
N ARG A 20 -59.51 43.87 34.81
CA ARG A 20 -60.89 44.26 35.09
C ARG A 20 -61.75 42.98 35.10
N VAL A 21 -62.10 42.52 36.30
CA VAL A 21 -62.87 41.30 36.45
C VAL A 21 -63.66 41.38 37.75
N ASN A 22 -64.88 40.86 37.73
CA ASN A 22 -65.73 40.79 38.91
C ASN A 22 -65.68 39.39 39.49
N PRO A 23 -65.42 39.25 40.80
CA PRO A 23 -65.25 37.90 41.36
C PRO A 23 -66.47 37.00 41.20
N LYS A 24 -67.68 37.56 41.27
CA LYS A 24 -68.88 36.73 41.20
C LYS A 24 -69.02 36.07 39.83
N THR A 25 -68.65 36.78 38.77
CA THR A 25 -68.77 36.24 37.42
C THR A 25 -67.81 35.09 37.14
N ILE A 26 -66.78 34.91 37.97
CA ILE A 26 -65.81 33.84 37.76
C ILE A 26 -66.37 32.53 38.29
N GLY A 27 -66.38 31.50 37.45
CA GLY A 27 -66.90 30.22 37.83
C GLY A 27 -65.84 29.23 38.27
N LYS A 28 -64.77 29.11 37.49
CA LYS A 28 -63.67 28.21 37.79
C LYS A 28 -62.35 28.95 37.60
N LEU A 29 -61.37 28.61 38.43
CA LEU A 29 -60.06 29.25 38.39
C LEU A 29 -58.97 28.19 38.37
N GLN A 30 -57.99 28.37 37.51
CA GLN A 30 -56.85 27.46 37.41
C GLN A 30 -55.57 28.29 37.35
N VAL A 31 -54.49 27.69 37.86
CA VAL A 31 -53.18 28.34 37.90
C VAL A 31 -52.15 27.40 37.30
N PHE A 32 -51.30 27.92 36.44
CA PHE A 32 -50.19 27.16 35.88
C PHE A 32 -48.89 27.69 36.46
N PRO A 33 -48.18 26.93 37.29
CA PRO A 33 -46.91 27.40 37.83
C PRO A 33 -45.85 27.47 36.74
N ALA A 34 -44.86 28.34 36.97
CA ALA A 34 -43.76 28.48 36.04
C ALA A 34 -43.02 27.16 35.90
N GLY A 35 -42.59 26.85 34.67
CA GLY A 35 -41.89 25.63 34.40
C GLY A 35 -41.35 25.62 32.98
N PRO A 36 -41.03 24.43 32.46
CA PRO A 36 -40.54 24.33 31.08
C PRO A 36 -41.55 24.76 30.04
N GLN A 37 -42.85 24.73 30.35
CA GLN A 37 -43.86 25.11 29.38
C GLN A 37 -43.93 26.62 29.16
N CYS A 38 -43.69 27.40 30.22
CA CYS A 38 -43.77 28.85 30.12
C CYS A 38 -43.02 29.48 31.28
N SER A 39 -42.40 30.63 31.01
CA SER A 39 -41.62 31.31 32.04
C SER A 39 -42.50 31.98 33.08
N LYS A 40 -43.58 32.62 32.62
CA LYS A 40 -44.43 33.41 33.50
C LYS A 40 -45.59 32.58 34.04
N VAL A 41 -45.82 32.69 35.35
CA VAL A 41 -46.96 32.01 35.96
C VAL A 41 -48.26 32.65 35.49
N GLU A 42 -49.22 31.81 35.11
CA GLU A 42 -50.49 32.26 34.59
C GLU A 42 -51.63 31.78 35.48
N VAL A 43 -52.58 32.67 35.76
CA VAL A 43 -53.79 32.35 36.49
C VAL A 43 -54.97 32.68 35.59
N VAL A 44 -55.84 31.70 35.37
CA VAL A 44 -56.96 31.82 34.44
C VAL A 44 -58.25 31.62 35.21
N ALA A 45 -59.26 32.43 34.89
CA ALA A 45 -60.59 32.33 35.50
C ALA A 45 -61.59 32.07 34.39
N SER A 46 -62.49 31.11 34.61
CA SER A 46 -63.55 30.79 33.65
C SER A 46 -64.83 31.47 34.08
N LEU A 47 -65.38 32.32 33.23
CA LEU A 47 -66.61 33.03 33.55
C LEU A 47 -67.81 32.11 33.41
N LYS A 48 -68.92 32.52 34.05
CA LYS A 48 -70.14 31.74 33.99
C LYS A 48 -70.79 31.78 32.61
N ASN A 49 -70.42 32.73 31.77
CA ASN A 49 -70.94 32.83 30.41
C ASN A 49 -70.09 32.08 29.40
N GLY A 50 -69.06 31.36 29.85
CA GLY A 50 -68.18 30.63 28.97
C GLY A 50 -66.93 31.39 28.55
N LYS A 51 -66.88 32.70 28.80
CA LYS A 51 -65.71 33.49 28.46
C LYS A 51 -64.55 33.14 29.38
N GLN A 52 -63.34 33.18 28.82
CA GLN A 52 -62.13 32.87 29.56
C GLN A 52 -61.21 34.08 29.53
N VAL A 53 -60.62 34.41 30.69
CA VAL A 53 -59.86 35.63 30.85
C VAL A 53 -58.53 35.30 31.53
N CYS A 54 -57.57 36.23 31.40
CA CYS A 54 -56.26 36.12 32.02
C CYS A 54 -56.10 37.19 33.08
N LEU A 55 -55.51 36.82 34.21
CA LEU A 55 -55.30 37.72 35.33
C LEU A 55 -53.81 37.91 35.59
N ASP A 56 -53.50 38.97 36.33
CA ASP A 56 -52.11 39.26 36.66
C ASP A 56 -51.73 38.56 37.96
N PRO A 57 -50.74 37.65 37.94
CA PRO A 57 -50.31 37.03 39.20
C PRO A 57 -49.70 38.01 40.18
N GLU A 58 -49.23 39.16 39.70
CA GLU A 58 -48.62 40.17 40.57
C GLU A 58 -49.65 41.07 41.24
N ALA A 59 -50.93 40.93 40.89
CA ALA A 59 -51.96 41.76 41.51
C ALA A 59 -52.06 41.42 43.00
N PRO A 60 -52.35 42.39 43.86
CA PRO A 60 -52.36 42.10 45.31
C PRO A 60 -53.34 41.02 45.72
N PHE A 61 -54.62 41.18 45.38
CA PHE A 61 -55.61 40.15 45.71
C PHE A 61 -55.31 38.86 44.97
N LEU A 62 -54.90 38.96 43.71
CA LEU A 62 -54.57 37.77 42.94
C LEU A 62 -53.38 37.03 43.55
N LYS A 63 -52.34 37.77 43.96
CA LYS A 63 -51.21 37.14 44.61
C LYS A 63 -51.61 36.52 45.93
N LYS A 64 -52.52 37.18 46.67
CA LYS A 64 -52.97 36.62 47.93
C LYS A 64 -53.69 35.29 47.75
N VAL A 65 -54.61 35.23 46.78
CA VAL A 65 -55.33 33.97 46.54
C VAL A 65 -54.41 32.92 45.93
N ILE A 66 -53.38 33.35 45.20
CA ILE A 66 -52.42 32.41 44.65
C ILE A 66 -51.60 31.78 45.79
N GLN A 67 -51.11 32.61 46.71
CA GLN A 67 -50.35 32.08 47.84
C GLN A 67 -51.24 31.28 48.77
N LYS A 68 -52.54 31.58 48.79
CA LYS A 68 -53.46 30.79 49.60
C LYS A 68 -53.51 29.34 49.15
N ILE A 69 -53.50 29.10 47.85
CA ILE A 69 -53.50 27.75 47.32
C ILE A 69 -52.08 27.29 47.03
N LEU B 89 -61.91 45.03 24.55
CA LEU B 89 -62.54 44.34 25.67
C LEU B 89 -62.26 42.85 25.61
N LEU B 90 -62.18 42.32 24.39
CA LEU B 90 -61.92 40.89 24.17
C LEU B 90 -60.47 40.60 23.84
N ASP B 91 -59.57 41.56 24.07
CA ASP B 91 -58.16 41.36 23.75
C ASP B 91 -57.55 40.24 24.58
N ALA B 92 -57.90 40.16 25.85
CA ALA B 92 -57.33 39.17 26.75
C ALA B 92 -58.16 37.90 26.71
N ALA B 93 -57.57 36.84 26.16
CA ALA B 93 -58.21 35.53 26.07
C ALA B 93 -57.15 34.48 25.78
N PRO B 94 -57.27 33.28 26.34
CA PRO B 94 -56.23 32.27 26.11
C PRO B 94 -56.14 31.87 24.64
N CYS B 95 -54.96 31.38 24.26
CA CYS B 95 -54.72 30.81 22.95
C CYS B 95 -55.03 29.32 22.99
N GLU B 96 -55.83 28.86 22.04
CA GLU B 96 -56.21 27.44 21.96
C GLU B 96 -55.39 26.74 20.89
N PRO B 97 -54.47 25.85 21.27
CA PRO B 97 -53.69 25.13 20.24
C PRO B 97 -54.57 24.14 19.50
N GLU B 98 -54.63 24.27 18.18
CA GLU B 98 -55.47 23.44 17.34
C GLU B 98 -54.64 22.37 16.64
N SER B 99 -55.32 21.28 16.26
CA SER B 99 -54.69 20.21 15.50
C SER B 99 -55.77 19.46 14.74
N LEU B 100 -55.34 18.68 13.75
CA LEU B 100 -56.25 17.90 12.92
C LEU B 100 -55.70 16.50 12.75
N GLU B 101 -56.61 15.53 12.64
CA GLU B 101 -56.21 14.13 12.52
C GLU B 101 -55.66 13.81 11.14
N ILE B 102 -56.09 14.55 10.12
CA ILE B 102 -55.58 14.35 8.77
C ILE B 102 -54.08 14.61 8.74
N ASN B 103 -53.63 15.65 9.45
CA ASN B 103 -52.21 15.95 9.52
C ASN B 103 -51.45 14.79 10.17
N LYS B 104 -52.01 14.21 11.23
CA LYS B 104 -51.37 13.08 11.88
C LYS B 104 -51.25 11.90 10.93
N TYR B 105 -52.34 11.56 10.24
CA TYR B 105 -52.26 10.45 9.29
C TYR B 105 -51.20 10.73 8.23
N PHE B 106 -51.19 11.94 7.69
CA PHE B 106 -50.22 12.27 6.64
C PHE B 106 -48.79 12.16 7.14
N VAL B 107 -48.52 12.66 8.35
CA VAL B 107 -47.14 12.62 8.84
C VAL B 107 -46.71 11.17 9.09
N VAL B 108 -47.61 10.32 9.58
CA VAL B 108 -47.20 8.93 9.81
C VAL B 108 -46.93 8.21 8.49
N ILE B 109 -47.77 8.42 7.47
CA ILE B 109 -47.51 7.75 6.19
C ILE B 109 -46.21 8.26 5.58
N ILE B 110 -45.99 9.58 5.60
CA ILE B 110 -44.78 10.14 5.02
C ILE B 110 -43.55 9.62 5.75
N TYR B 111 -43.61 9.57 7.09
CA TYR B 111 -42.49 9.07 7.87
C TYR B 111 -42.19 7.61 7.55
N ALA B 112 -43.23 6.78 7.43
CA ALA B 112 -42.98 5.38 7.11
C ALA B 112 -42.35 5.23 5.73
N LEU B 113 -42.86 5.97 4.74
CA LEU B 113 -42.31 5.87 3.39
C LEU B 113 -40.86 6.33 3.35
N VAL B 114 -40.55 7.44 4.02
CA VAL B 114 -39.19 7.94 4.05
C VAL B 114 -38.28 6.93 4.74
N PHE B 115 -38.75 6.35 5.84
CA PHE B 115 -37.97 5.33 6.55
C PHE B 115 -37.62 4.18 5.61
N LEU B 116 -38.62 3.64 4.92
CA LEU B 116 -38.36 2.50 4.04
C LEU B 116 -37.38 2.88 2.93
N LEU B 117 -37.60 4.02 2.29
CA LEU B 117 -36.77 4.40 1.15
C LEU B 117 -35.32 4.65 1.58
N SER B 118 -35.13 5.41 2.66
CA SER B 118 -33.78 5.69 3.13
C SER B 118 -33.07 4.43 3.60
N LEU B 119 -33.80 3.54 4.29
CA LEU B 119 -33.20 2.28 4.71
C LEU B 119 -32.74 1.48 3.50
N LEU B 120 -33.57 1.40 2.46
CA LEU B 120 -33.19 0.64 1.27
C LEU B 120 -31.96 1.24 0.60
N GLY B 121 -31.95 2.56 0.40
CA GLY B 121 -30.83 3.19 -0.27
C GLY B 121 -29.53 3.04 0.50
N ASN B 122 -29.58 3.27 1.82
CA ASN B 122 -28.39 3.14 2.64
C ASN B 122 -27.89 1.71 2.66
N SER B 123 -28.80 0.74 2.75
CA SER B 123 -28.38 -0.65 2.71
C SER B 123 -27.68 -0.98 1.40
N LEU B 124 -28.23 -0.52 0.28
CA LEU B 124 -27.62 -0.82 -1.01
C LEU B 124 -26.22 -0.21 -1.11
N VAL B 125 -26.07 1.05 -0.70
CA VAL B 125 -24.76 1.69 -0.87
C VAL B 125 -23.74 1.06 0.08
N MET B 126 -24.15 0.70 1.30
CA MET B 126 -23.23 0.04 2.21
C MET B 126 -22.78 -1.31 1.66
N LEU B 127 -23.71 -2.08 1.11
CA LEU B 127 -23.35 -3.37 0.52
C LEU B 127 -22.40 -3.19 -0.65
N VAL B 128 -22.69 -2.23 -1.54
CA VAL B 128 -21.87 -2.02 -2.72
C VAL B 128 -20.45 -1.63 -2.30
N ILE B 129 -20.31 -0.74 -1.32
CA ILE B 129 -18.98 -0.33 -0.88
C ILE B 129 -18.25 -1.49 -0.22
N LEU B 130 -18.92 -2.20 0.69
CA LEU B 130 -18.21 -3.13 1.56
C LEU B 130 -17.99 -4.50 0.94
N TYR B 131 -18.66 -4.83 -0.17
CA TYR B 131 -18.53 -6.19 -0.69
C TYR B 131 -17.13 -6.45 -1.22
N SER B 132 -16.60 -5.54 -2.03
CA SER B 132 -15.29 -5.70 -2.64
C SER B 132 -14.40 -4.53 -2.26
N ARG B 133 -13.17 -4.83 -1.83
CA ARG B 133 -12.22 -3.82 -1.38
C ARG B 133 -11.29 -3.34 -2.48
N VAL B 134 -11.70 -3.43 -3.74
CA VAL B 134 -10.87 -3.01 -4.85
C VAL B 134 -11.00 -1.50 -5.04
N GLY B 135 -9.92 -0.77 -4.82
CA GLY B 135 -9.93 0.67 -4.96
C GLY B 135 -10.77 1.38 -3.91
N ARG B 136 -10.35 1.31 -2.65
CA ARG B 136 -11.06 1.98 -1.56
C ARG B 136 -10.60 3.44 -1.49
N SER B 137 -11.15 4.25 -2.40
CA SER B 137 -10.80 5.65 -2.45
C SER B 137 -11.44 6.40 -1.28
N VAL B 138 -11.00 7.65 -1.10
CA VAL B 138 -11.48 8.45 0.03
C VAL B 138 -12.97 8.70 -0.09
N THR B 139 -13.47 8.88 -1.31
CA THR B 139 -14.89 9.10 -1.51
C THR B 139 -15.69 7.90 -1.03
N ASP B 140 -15.14 6.69 -1.17
CA ASP B 140 -15.81 5.51 -0.64
C ASP B 140 -15.95 5.59 0.88
N VAL B 141 -14.90 6.04 1.57
CA VAL B 141 -14.98 6.19 3.02
C VAL B 141 -16.06 7.22 3.38
N TYR B 142 -16.07 8.35 2.68
CA TYR B 142 -17.05 9.38 2.97
C TYR B 142 -18.47 8.88 2.74
N LEU B 143 -18.69 8.16 1.64
CA LEU B 143 -20.02 7.66 1.34
C LEU B 143 -20.44 6.60 2.34
N LEU B 144 -19.51 5.75 2.78
CA LEU B 144 -19.82 4.77 3.79
C LEU B 144 -20.28 5.42 5.09
N ASN B 145 -19.52 6.43 5.56
CA ASN B 145 -19.90 7.11 6.79
C ASN B 145 -21.23 7.85 6.64
N LEU B 146 -21.44 8.50 5.50
CA LEU B 146 -22.70 9.19 5.26
C LEU B 146 -23.86 8.21 5.26
N ALA B 147 -23.68 7.04 4.65
CA ALA B 147 -24.73 6.03 4.64
C ALA B 147 -25.00 5.51 6.04
N LEU B 148 -23.95 5.34 6.85
CA LEU B 148 -24.16 4.90 8.22
C LEU B 148 -24.99 5.91 9.00
N ALA B 149 -24.65 7.20 8.88
CA ALA B 149 -25.41 8.23 9.57
C ALA B 149 -26.86 8.26 9.11
N ASP B 150 -27.06 8.15 7.79
CA ASP B 150 -28.41 8.15 7.23
C ASP B 150 -29.22 6.97 7.73
N LEU B 151 -28.62 5.78 7.76
CA LEU B 151 -29.32 4.58 8.20
C LEU B 151 -29.68 4.65 9.68
N LEU B 152 -28.77 5.16 10.51
CA LEU B 152 -29.09 5.28 11.93
C LEU B 152 -30.21 6.31 12.14
N PHE B 153 -30.22 7.38 11.35
CA PHE B 153 -31.31 8.34 11.42
C PHE B 153 -32.62 7.67 11.04
N ALA B 154 -32.59 6.83 10.00
CA ALA B 154 -33.77 6.06 9.62
C ALA B 154 -34.23 5.17 10.76
N LEU B 155 -33.29 4.57 11.48
CA LEU B 155 -33.65 3.75 12.63
C LEU B 155 -34.37 4.57 13.69
N THR B 156 -33.90 5.80 13.93
CA THR B 156 -34.56 6.65 14.91
C THR B 156 -35.86 7.25 14.40
N LEU B 157 -36.15 7.14 13.11
CA LEU B 157 -37.35 7.75 12.54
C LEU B 157 -38.67 7.18 13.07
N PRO B 158 -38.90 5.85 13.12
CA PRO B 158 -40.24 5.37 13.51
C PRO B 158 -40.67 5.75 14.92
N ILE B 159 -39.74 5.82 15.87
CA ILE B 159 -40.12 6.21 17.23
C ILE B 159 -40.60 7.66 17.23
N TRP B 160 -39.96 8.51 16.41
CA TRP B 160 -40.46 9.87 16.25
C TRP B 160 -41.83 9.88 15.60
N ALA B 161 -42.07 8.97 14.66
CA ALA B 161 -43.40 8.86 14.06
C ALA B 161 -44.45 8.54 15.12
N ALA B 162 -44.14 7.60 16.01
CA ALA B 162 -45.07 7.28 17.10
C ALA B 162 -45.25 8.47 18.03
N SER B 163 -44.18 9.21 18.28
CA SER B 163 -44.28 10.43 19.09
C SER B 163 -45.27 11.41 18.48
N LYS B 164 -45.17 11.64 17.18
CA LYS B 164 -46.15 12.51 16.51
C LYS B 164 -47.54 11.87 16.52
N VAL B 165 -47.61 10.54 16.60
CA VAL B 165 -48.91 9.87 16.67
C VAL B 165 -49.62 10.25 17.96
N ASN B 166 -48.93 10.13 19.10
CA ASN B 166 -49.63 10.30 20.37
C ASN B 166 -48.83 11.07 21.42
N GLY B 167 -47.74 11.73 21.07
CA GLY B 167 -46.90 12.34 22.07
C GLY B 167 -45.95 11.32 22.68
N TRP B 168 -45.12 11.79 23.61
CA TRP B 168 -44.11 10.93 24.23
C TRP B 168 -44.71 10.23 25.44
N ILE B 169 -45.33 9.08 25.20
CA ILE B 169 -45.82 8.23 26.27
C ILE B 169 -44.88 7.05 26.52
N PHE B 170 -43.62 7.17 26.09
CA PHE B 170 -42.72 6.04 26.08
C PHE B 170 -41.64 6.11 27.16
N GLY B 171 -41.51 7.22 27.87
CA GLY B 171 -40.60 7.32 28.99
C GLY B 171 -39.47 8.30 28.73
N THR B 172 -38.80 8.65 29.82
CA THR B 172 -37.74 9.66 29.75
C THR B 172 -36.46 9.08 29.17
N PHE B 173 -36.14 7.82 29.49
CA PHE B 173 -34.90 7.23 29.00
C PHE B 173 -34.89 7.13 27.48
N LEU B 174 -35.99 6.67 26.90
CA LEU B 174 -36.08 6.62 25.45
C LEU B 174 -36.05 8.02 24.84
N CYS B 175 -36.68 8.98 25.51
CA CYS B 175 -36.58 10.38 25.05
C CYS B 175 -35.14 10.81 24.94
N LYS B 176 -34.37 10.61 26.01
CA LYS B 176 -32.96 11.03 26.00
C LYS B 176 -32.19 10.31 24.91
N VAL B 177 -32.34 8.97 24.84
CA VAL B 177 -31.52 8.19 23.91
C VAL B 177 -31.86 8.54 22.47
N VAL B 178 -33.15 8.57 22.13
CA VAL B 178 -33.57 8.85 20.76
C VAL B 178 -33.18 10.26 20.36
N SER B 179 -33.40 11.23 21.24
CA SER B 179 -33.05 12.61 20.91
C SER B 179 -31.54 12.76 20.71
N LEU B 180 -30.74 12.14 21.57
CA LEU B 180 -29.29 12.21 21.42
C LEU B 180 -28.85 11.61 20.10
N LEU B 181 -29.36 10.42 19.77
CA LEU B 181 -28.97 9.77 18.53
C LEU B 181 -29.38 10.59 17.32
N LYS B 182 -30.59 11.14 17.35
CA LYS B 182 -31.08 11.93 16.23
C LYS B 182 -30.24 13.19 16.03
N GLU B 183 -29.91 13.89 17.12
CA GLU B 183 -29.11 15.09 16.99
C GLU B 183 -27.69 14.77 16.51
N VAL B 184 -27.10 13.69 17.04
CA VAL B 184 -25.77 13.30 16.59
C VAL B 184 -25.78 13.00 15.10
N ASN B 185 -26.80 12.27 14.64
CA ASN B 185 -26.86 11.93 13.22
C ASN B 185 -27.07 13.16 12.35
N PHE B 186 -27.93 14.08 12.79
CA PHE B 186 -28.15 15.29 12.02
C PHE B 186 -26.86 16.09 11.87
N TYR B 187 -26.16 16.32 12.98
CA TYR B 187 -24.91 17.06 12.93
C TYR B 187 -23.87 16.34 12.07
N SER B 188 -23.75 15.02 12.24
CA SER B 188 -22.75 14.27 11.49
C SER B 188 -23.04 14.27 10.00
N GLY B 189 -24.30 14.13 9.62
CA GLY B 189 -24.64 14.18 8.21
C GLY B 189 -24.31 15.52 7.58
N ILE B 190 -24.66 16.62 8.27
CA ILE B 190 -24.38 17.94 7.70
C ILE B 190 -22.88 18.16 7.59
N LEU B 191 -22.13 17.81 8.65
CA LEU B 191 -20.69 18.01 8.60
C LEU B 191 -20.02 17.10 7.59
N LEU B 192 -20.58 15.92 7.33
CA LEU B 192 -20.03 15.05 6.30
C LEU B 192 -20.28 15.62 4.91
N LEU B 193 -21.43 16.25 4.71
CA LEU B 193 -21.63 16.97 3.44
C LEU B 193 -20.59 18.07 3.28
N ALA B 194 -20.31 18.81 4.36
CA ALA B 194 -19.29 19.84 4.29
C ALA B 194 -17.92 19.26 3.96
N CYS B 195 -17.56 18.13 4.59
CA CYS B 195 -16.26 17.52 4.35
C CYS B 195 -16.15 16.98 2.93
N ILE B 196 -17.23 16.40 2.39
CA ILE B 196 -17.22 15.95 1.01
C ILE B 196 -16.99 17.13 0.07
N SER B 197 -17.66 18.26 0.33
CA SER B 197 -17.43 19.44 -0.49
C SER B 197 -15.98 19.90 -0.41
N VAL B 198 -15.40 19.86 0.79
CA VAL B 198 -14.01 20.25 0.94
C VAL B 198 -13.10 19.33 0.12
N ASP B 199 -13.38 18.02 0.16
CA ASP B 199 -12.60 17.08 -0.63
C ASP B 199 -12.69 17.41 -2.11
N ARG B 200 -13.89 17.69 -2.60
CA ARG B 200 -14.05 17.99 -4.03
C ARG B 200 -13.30 19.26 -4.41
N TYR B 201 -13.38 20.28 -3.55
CA TYR B 201 -12.65 21.52 -3.81
C TYR B 201 -11.15 21.28 -3.87
N LEU B 202 -10.61 20.53 -2.92
CA LEU B 202 -9.19 20.26 -2.93
C LEU B 202 -8.77 19.29 -4.03
N ALA B 203 -9.71 18.55 -4.60
CA ALA B 203 -9.37 17.58 -5.63
C ALA B 203 -9.48 18.15 -7.04
N ILE B 204 -10.30 19.18 -7.23
CA ILE B 204 -10.49 19.70 -8.59
C ILE B 204 -9.85 21.07 -8.75
N VAL B 205 -9.83 21.88 -7.68
CA VAL B 205 -9.18 23.18 -7.76
C VAL B 205 -7.68 23.06 -7.51
N HIS B 206 -7.32 22.47 -6.37
CA HIS B 206 -5.90 22.22 -6.06
C HIS B 206 -5.55 20.78 -6.43
N ALA B 207 -5.65 20.49 -7.73
CA ALA B 207 -5.40 19.14 -8.22
C ALA B 207 -3.95 18.92 -8.63
N THR B 208 -3.34 19.90 -9.28
CA THR B 208 -1.96 19.76 -9.72
C THR B 208 -0.97 19.96 -8.58
N ARG B 209 -1.29 20.82 -7.62
CA ARG B 209 -0.36 21.17 -6.55
C ARG B 209 -0.21 20.00 -5.58
N THR B 210 0.71 20.16 -4.63
CA THR B 210 0.96 19.14 -3.62
C THR B 210 -0.02 19.20 -2.46
N LEU B 211 -0.94 20.17 -2.46
CA LEU B 211 -1.98 20.22 -1.44
C LEU B 211 -2.91 19.02 -1.53
N THR B 212 -2.98 18.37 -2.69
CA THR B 212 -3.82 17.19 -2.84
C THR B 212 -3.37 16.03 -1.97
N GLN B 213 -2.13 16.06 -1.47
CA GLN B 213 -1.66 15.03 -0.56
C GLN B 213 -2.30 15.13 0.81
N LYS B 214 -3.03 16.20 1.10
CA LYS B 214 -3.57 16.45 2.44
C LYS B 214 -4.97 15.85 2.62
N ARG B 215 -5.51 15.16 1.63
CA ARG B 215 -6.82 14.55 1.73
C ARG B 215 -6.75 13.09 2.14
N TYR B 216 -5.60 12.64 2.62
CA TYR B 216 -5.39 11.27 3.08
C TYR B 216 -5.84 11.10 4.54
N LEU B 217 -6.33 12.17 5.16
CA LEU B 217 -6.70 12.17 6.58
C LEU B 217 -8.19 11.89 6.79
N VAL B 218 -8.79 11.08 5.93
CA VAL B 218 -10.24 10.91 5.96
C VAL B 218 -10.68 10.20 7.23
N LYS B 219 -9.90 9.22 7.68
CA LYS B 219 -10.25 8.53 8.92
C LYS B 219 -10.23 9.48 10.10
N PHE B 220 -9.18 10.29 10.21
CA PHE B 220 -9.08 11.24 11.30
C PHE B 220 -10.18 12.30 11.22
N ILE B 221 -10.45 12.79 10.02
CA ILE B 221 -11.50 13.80 9.85
C ILE B 221 -12.86 13.23 10.24
N CYS B 222 -13.13 11.99 9.82
CA CYS B 222 -14.40 11.35 10.17
C CYS B 222 -14.53 11.15 11.68
N LEU B 223 -13.45 10.69 12.32
CA LEU B 223 -13.50 10.51 13.77
C LEU B 223 -13.73 11.84 14.47
N SER B 224 -13.04 12.89 14.02
CA SER B 224 -13.24 14.21 14.60
C SER B 224 -14.66 14.70 14.41
N ILE B 225 -15.24 14.45 13.23
CA ILE B 225 -16.60 14.90 12.96
C ILE B 225 -17.58 14.18 13.87
N TRP B 226 -17.45 12.86 14.00
CA TRP B 226 -18.34 12.12 14.87
C TRP B 226 -18.21 12.59 16.31
N GLY B 227 -16.98 12.79 16.77
CA GLY B 227 -16.78 13.24 18.15
C GLY B 227 -17.35 14.62 18.39
N LEU B 228 -17.13 15.56 17.46
CA LEU B 228 -17.65 16.90 17.62
C LEU B 228 -19.18 16.91 17.59
N SER B 229 -19.77 16.11 16.70
CA SER B 229 -21.22 16.01 16.66
C SER B 229 -21.78 15.49 17.98
N LEU B 230 -21.13 14.46 18.54
CA LEU B 230 -21.56 13.96 19.84
C LEU B 230 -21.43 15.05 20.90
N LEU B 231 -20.34 15.82 20.84
CA LEU B 231 -20.13 16.89 21.82
C LEU B 231 -21.24 17.93 21.75
N LEU B 232 -21.62 18.36 20.53
CA LEU B 232 -22.68 19.35 20.44
C LEU B 232 -24.06 18.78 20.75
N ALA B 233 -24.26 17.46 20.57
CA ALA B 233 -25.55 16.88 20.87
C ALA B 233 -25.70 16.42 22.31
N LEU B 234 -24.61 16.42 23.08
CA LEU B 234 -24.67 16.07 24.50
C LEU B 234 -25.64 16.94 25.30
N PRO B 235 -25.73 18.25 25.07
CA PRO B 235 -26.74 19.04 25.80
C PRO B 235 -28.15 18.53 25.62
N VAL B 236 -28.46 17.92 24.48
CA VAL B 236 -29.77 17.31 24.30
C VAL B 236 -29.96 16.15 25.26
N LEU B 237 -28.94 15.30 25.39
CA LEU B 237 -29.04 14.18 26.33
C LEU B 237 -29.14 14.66 27.77
N LEU B 238 -28.39 15.71 28.12
CA LEU B 238 -28.34 16.14 29.51
C LEU B 238 -29.66 16.76 29.96
N PHE B 239 -30.32 17.53 29.10
CA PHE B 239 -31.41 18.40 29.51
C PHE B 239 -32.67 18.13 28.68
N ARG B 240 -33.05 16.86 28.55
CA ARG B 240 -34.30 16.51 27.88
C ARG B 240 -35.06 15.51 28.74
N ARG B 241 -36.37 15.76 28.91
CA ARG B 241 -37.21 14.88 29.69
C ARG B 241 -38.66 15.08 29.27
N THR B 242 -39.50 14.11 29.61
CA THR B 242 -40.92 14.23 29.33
C THR B 242 -41.52 15.39 30.12
N VAL B 243 -42.33 16.19 29.46
CA VAL B 243 -42.95 17.37 30.07
C VAL B 243 -44.46 17.22 29.99
N TYR B 244 -45.13 17.38 31.13
CA TYR B 244 -46.57 17.21 31.22
C TYR B 244 -47.25 18.57 31.29
N SER B 245 -48.46 18.65 30.74
CA SER B 245 -49.25 19.86 30.82
C SER B 245 -50.73 19.47 30.80
N SER B 246 -51.56 20.33 31.40
CA SER B 246 -52.99 20.03 31.47
C SER B 246 -53.63 20.00 30.10
N ASN B 247 -53.27 20.95 29.24
CA ASN B 247 -53.88 21.08 27.92
C ASN B 247 -53.03 20.47 26.81
N VAL B 248 -51.75 20.20 27.06
CA VAL B 248 -50.83 19.70 26.04
C VAL B 248 -50.46 18.27 26.38
N SER B 249 -50.52 17.39 25.38
CA SER B 249 -50.12 16.00 25.58
C SER B 249 -48.62 15.92 25.85
N PRO B 250 -48.18 14.86 26.53
CA PRO B 250 -46.74 14.74 26.84
C PRO B 250 -45.90 14.70 25.57
N ALA B 251 -44.72 15.30 25.65
CA ALA B 251 -43.77 15.27 24.55
C ALA B 251 -42.37 15.35 25.12
N CYS B 252 -41.42 14.76 24.39
CA CYS B 252 -40.02 14.70 24.82
C CYS B 252 -39.42 16.09 24.63
N TYR B 253 -39.53 16.88 25.69
CA TYR B 253 -39.12 18.27 25.71
C TYR B 253 -37.87 18.44 26.57
N GLU B 254 -37.46 19.70 26.75
CA GLU B 254 -36.29 20.00 27.56
C GLU B 254 -36.70 20.67 28.87
N ASP B 255 -35.97 20.34 29.93
CA ASP B 255 -36.24 20.82 31.29
C ASP B 255 -34.96 21.42 31.85
N MET B 256 -34.84 22.74 31.76
CA MET B 256 -33.66 23.44 32.22
C MET B 256 -33.93 24.47 33.30
N GLY B 257 -35.16 24.58 33.77
CA GLY B 257 -35.49 25.50 34.85
C GLY B 257 -36.83 26.16 34.60
N ASN B 258 -37.16 27.08 35.49
CA ASN B 258 -38.43 27.80 35.35
C ASN B 258 -38.41 28.77 34.19
N ASN B 259 -37.24 29.26 33.80
CA ASN B 259 -37.09 30.16 32.65
C ASN B 259 -36.55 29.36 31.47
N THR B 260 -37.14 28.22 31.19
CA THR B 260 -36.49 27.42 30.14
C THR B 260 -36.65 28.14 28.83
N ALA B 261 -37.74 28.85 28.64
CA ALA B 261 -38.02 29.41 27.32
C ALA B 261 -36.79 30.11 26.75
N ASN B 262 -36.08 30.88 27.57
CA ASN B 262 -34.92 31.60 27.07
C ASN B 262 -33.69 30.70 27.00
N TRP B 263 -33.63 29.66 27.84
CA TRP B 263 -32.52 28.73 27.74
C TRP B 263 -32.60 27.91 26.45
N ARG B 264 -33.81 27.50 26.06
CA ARG B 264 -33.99 26.94 24.74
C ARG B 264 -33.64 27.93 23.65
N MET B 265 -33.94 29.20 23.88
CA MET B 265 -33.57 30.25 22.94
C MET B 265 -32.07 30.23 22.70
N LEU B 266 -31.30 30.16 23.78
CA LEU B 266 -29.84 30.14 23.67
C LEU B 266 -29.35 28.82 23.08
N LEU B 267 -30.05 27.71 23.38
CA LEU B 267 -29.65 26.43 22.84
C LEU B 267 -29.83 26.37 21.33
N ARG B 268 -30.87 27.04 20.82
CA ARG B 268 -31.18 26.93 19.39
C ARG B 268 -30.10 27.53 18.51
N ILE B 269 -29.20 28.34 19.07
CA ILE B 269 -28.14 28.92 18.24
C ILE B 269 -27.20 27.84 17.69
N LEU B 270 -26.96 26.77 18.47
CA LEU B 270 -26.00 25.76 18.01
C LEU B 270 -26.43 25.08 16.72
N PRO B 271 -27.66 24.56 16.59
CA PRO B 271 -28.03 23.92 15.32
C PRO B 271 -28.08 24.88 14.14
N GLN B 272 -28.25 26.18 14.37
CA GLN B 272 -28.29 27.14 13.28
C GLN B 272 -26.91 27.69 12.94
N SER B 273 -25.91 27.51 13.79
CA SER B 273 -24.57 28.03 13.55
C SER B 273 -23.64 26.95 13.03
N PHE B 274 -23.54 25.82 13.73
CA PHE B 274 -22.72 24.71 13.28
C PHE B 274 -23.54 23.66 12.55
N GLY B 275 -24.80 23.95 12.24
CA GLY B 275 -25.64 23.01 11.54
C GLY B 275 -26.12 23.51 10.20
N PHE B 276 -26.20 24.82 10.04
CA PHE B 276 -26.59 25.32 8.74
C PHE B 276 -25.67 26.39 8.18
N ILE B 277 -25.21 27.32 9.01
CA ILE B 277 -24.51 28.49 8.47
C ILE B 277 -23.09 28.11 8.06
N VAL B 278 -22.34 27.50 8.97
CA VAL B 278 -20.98 27.06 8.63
C VAL B 278 -20.97 26.05 7.50
N PRO B 279 -21.78 24.97 7.52
CA PRO B 279 -21.77 24.06 6.36
C PRO B 279 -22.21 24.71 5.07
N LEU B 280 -23.18 25.62 5.10
CA LEU B 280 -23.57 26.33 3.90
C LEU B 280 -22.42 27.18 3.37
N LEU B 281 -21.72 27.87 4.26
CA LEU B 281 -20.60 28.70 3.83
C LEU B 281 -19.52 27.83 3.19
N ILE B 282 -19.18 26.71 3.84
CA ILE B 282 -18.13 25.84 3.31
C ILE B 282 -18.53 25.28 1.95
N MET B 283 -19.75 24.78 1.84
CA MET B 283 -20.21 24.22 0.57
C MET B 283 -20.24 25.28 -0.52
N LEU B 284 -20.73 26.47 -0.19
CA LEU B 284 -20.78 27.55 -1.18
C LEU B 284 -19.39 27.89 -1.68
N PHE B 285 -18.45 28.12 -0.77
CA PHE B 285 -17.09 28.46 -1.18
C PHE B 285 -16.48 27.35 -2.04
N CYS B 286 -16.53 26.11 -1.55
CA CYS B 286 -15.87 25.01 -2.24
C CYS B 286 -16.48 24.78 -3.62
N TYR B 287 -17.80 24.67 -3.70
CA TYR B 287 -18.42 24.36 -4.98
C TYR B 287 -18.38 25.55 -5.94
N GLY B 288 -18.41 26.78 -5.43
CA GLY B 288 -18.23 27.93 -6.31
C GLY B 288 -16.86 27.94 -6.96
N PHE B 289 -15.82 27.69 -6.17
CA PHE B 289 -14.48 27.67 -6.76
C PHE B 289 -14.29 26.46 -7.67
N THR B 290 -14.89 25.32 -7.32
CA THR B 290 -14.84 24.17 -8.22
C THR B 290 -15.52 24.47 -9.54
N LEU B 291 -16.66 25.16 -9.50
CA LEU B 291 -17.35 25.53 -10.73
C LEU B 291 -16.52 26.51 -11.54
N ARG B 292 -15.86 27.46 -10.88
CA ARG B 292 -14.99 28.38 -11.60
C ARG B 292 -13.87 27.63 -12.30
N THR B 293 -13.26 26.65 -11.60
CA THR B 293 -12.18 25.88 -12.21
C THR B 293 -12.68 25.05 -13.39
N LEU B 294 -13.82 24.38 -13.24
CA LEU B 294 -14.36 23.59 -14.34
C LEU B 294 -14.74 24.47 -15.53
N PHE B 295 -15.23 25.68 -15.25
CA PHE B 295 -15.68 26.55 -16.33
C PHE B 295 -14.53 26.95 -17.25
N LYS B 296 -13.32 27.07 -16.71
CA LYS B 296 -12.15 27.40 -17.52
C LYS B 296 -11.38 26.15 -17.96
N ALA B 297 -12.09 25.05 -18.18
CA ALA B 297 -11.48 23.77 -18.55
C ALA B 297 -11.96 23.36 -19.94
N HIS B 298 -11.24 22.41 -20.55
CA HIS B 298 -11.50 22.02 -21.93
C HIS B 298 -11.72 20.51 -22.10
N MET B 299 -12.21 19.82 -21.08
CA MET B 299 -12.55 18.41 -21.27
C MET B 299 -13.88 18.28 -22.00
N GLY B 300 -14.27 17.04 -22.25
CA GLY B 300 -15.54 16.78 -22.90
C GLY B 300 -16.70 16.51 -21.99
N GLN B 301 -16.45 16.28 -20.70
CA GLN B 301 -17.50 15.91 -19.75
C GLN B 301 -17.57 16.90 -18.61
N LYS B 302 -17.40 18.20 -18.91
CA LYS B 302 -17.56 19.22 -17.90
C LYS B 302 -19.03 19.46 -17.57
N HIS B 303 -19.91 19.29 -18.56
CA HIS B 303 -21.32 19.63 -18.38
C HIS B 303 -21.96 18.79 -17.29
N ARG B 304 -21.70 17.48 -17.30
CA ARG B 304 -22.28 16.61 -16.29
C ARG B 304 -21.78 16.97 -14.89
N ALA B 305 -20.50 17.32 -14.78
CA ALA B 305 -19.96 17.70 -13.48
C ALA B 305 -20.64 18.95 -12.95
N MET B 306 -20.81 19.96 -13.79
CA MET B 306 -21.50 21.16 -13.34
C MET B 306 -22.94 20.86 -12.96
N ARG B 307 -23.63 20.03 -13.75
CA ARG B 307 -25.01 19.68 -13.42
C ARG B 307 -25.09 18.99 -12.06
N VAL B 308 -24.19 18.04 -11.81
CA VAL B 308 -24.24 17.31 -10.54
C VAL B 308 -23.94 18.23 -9.37
N ILE B 309 -22.93 19.11 -9.51
CA ILE B 309 -22.59 20.03 -8.42
C ILE B 309 -23.76 20.95 -8.12
N PHE B 310 -24.37 21.52 -9.16
CA PHE B 310 -25.50 22.41 -8.95
C PHE B 310 -26.68 21.67 -8.36
N ALA B 311 -26.91 20.43 -8.80
CA ALA B 311 -28.00 19.65 -8.23
C ALA B 311 -27.79 19.40 -6.75
N VAL B 312 -26.56 19.06 -6.36
CA VAL B 312 -26.28 18.82 -4.95
C VAL B 312 -26.54 20.06 -4.12
N VAL B 313 -26.01 21.21 -4.57
CA VAL B 313 -26.15 22.44 -3.77
C VAL B 313 -27.61 22.86 -3.71
N LEU B 314 -28.30 22.84 -4.85
CA LEU B 314 -29.70 23.25 -4.91
C LEU B 314 -30.57 22.34 -4.06
N ILE B 315 -30.31 21.03 -4.08
CA ILE B 315 -31.13 20.11 -3.30
C ILE B 315 -30.87 20.28 -1.81
N PHE B 316 -29.61 20.51 -1.42
CA PHE B 316 -29.34 20.79 -0.02
C PHE B 316 -30.10 22.03 0.44
N LEU B 317 -30.08 23.08 -0.37
CA LEU B 317 -30.83 24.28 -0.01
C LEU B 317 -32.31 23.97 0.11
N LEU B 318 -32.89 23.33 -0.92
CA LEU B 318 -34.30 23.00 -0.89
C LEU B 318 -34.66 22.16 0.33
N CYS B 319 -33.77 21.27 0.76
CA CYS B 319 -34.07 20.38 1.88
C CYS B 319 -34.00 21.10 3.22
N TRP B 320 -32.99 21.94 3.43
CA TRP B 320 -32.75 22.45 4.77
C TRP B 320 -33.10 23.91 4.99
N LEU B 321 -33.24 24.71 3.94
CA LEU B 321 -33.53 26.13 4.12
C LEU B 321 -34.87 26.40 4.78
N PRO B 322 -35.99 25.80 4.36
CA PRO B 322 -37.27 26.15 4.99
C PRO B 322 -37.32 25.85 6.49
N TYR B 323 -36.65 24.78 6.92
CA TYR B 323 -36.61 24.44 8.34
C TYR B 323 -35.97 25.55 9.15
N ASN B 324 -34.78 25.99 8.71
CA ASN B 324 -34.09 27.07 9.40
C ASN B 324 -34.87 28.38 9.30
N LEU B 325 -35.59 28.58 8.19
CA LEU B 325 -36.36 29.81 8.03
C LEU B 325 -37.51 29.87 9.03
N VAL B 326 -38.26 28.77 9.18
CA VAL B 326 -39.36 28.78 10.14
C VAL B 326 -38.82 28.86 11.57
N LEU B 327 -37.68 28.23 11.83
CA LEU B 327 -37.07 28.36 13.16
C LEU B 327 -36.65 29.79 13.44
N LEU B 328 -36.11 30.48 12.44
CA LEU B 328 -35.76 31.88 12.63
C LEU B 328 -37.00 32.73 12.87
N ALA B 329 -38.09 32.43 12.15
CA ALA B 329 -39.33 33.16 12.38
C ALA B 329 -39.83 32.95 13.81
N ASP B 330 -39.80 31.71 14.29
CA ASP B 330 -40.19 31.43 15.68
C ASP B 330 -39.26 32.15 16.65
N THR B 331 -37.96 32.18 16.33
CA THR B 331 -37.01 32.88 17.17
C THR B 331 -37.36 34.36 17.28
N LEU B 332 -37.73 34.98 16.17
CA LEU B 332 -38.10 36.39 16.21
C LEU B 332 -39.43 36.59 16.94
N MET B 333 -40.33 35.60 16.83
CA MET B 333 -41.63 35.75 17.49
C MET B 333 -41.49 35.69 19.01
N ARG B 334 -40.74 34.70 19.53
CA ARG B 334 -40.67 34.55 20.99
C ARG B 334 -40.01 35.73 21.67
N THR B 335 -39.17 36.48 20.97
CA THR B 335 -38.55 37.68 21.53
C THR B 335 -39.40 38.93 21.32
N GLN B 336 -40.61 38.78 20.76
CA GLN B 336 -41.59 39.84 20.55
C GLN B 336 -41.15 40.85 19.49
N VAL B 337 -40.11 40.53 18.70
CA VAL B 337 -39.79 41.38 17.56
C VAL B 337 -40.93 41.36 16.55
N ILE B 338 -41.47 40.18 16.27
CA ILE B 338 -42.65 40.00 15.43
C ILE B 338 -43.86 39.90 16.34
N GLN B 339 -44.94 40.61 15.99
CA GLN B 339 -46.13 40.64 16.82
C GLN B 339 -46.75 39.25 16.94
N GLU B 340 -47.34 38.97 18.10
CA GLU B 340 -47.77 37.63 18.48
C GLU B 340 -49.29 37.54 18.47
N THR B 341 -49.82 36.57 17.71
CA THR B 341 -51.25 36.24 17.74
C THR B 341 -51.39 34.73 17.80
N CYS B 342 -52.59 34.28 18.19
CA CYS B 342 -52.90 32.85 18.16
C CYS B 342 -52.77 32.30 16.74
N GLU B 343 -53.19 33.09 15.74
CA GLU B 343 -53.11 32.65 14.36
C GLU B 343 -51.66 32.47 13.92
N ARG B 344 -50.79 33.41 14.28
CA ARG B 344 -49.39 33.28 13.93
C ARG B 344 -48.77 32.08 14.62
N ARG B 345 -49.12 31.86 15.90
CA ARG B 345 -48.61 30.68 16.60
C ARG B 345 -49.03 29.41 15.88
N ASN B 346 -50.31 29.30 15.51
CA ASN B 346 -50.77 28.10 14.83
C ASN B 346 -50.08 27.92 13.48
N HIS B 347 -49.93 29.00 12.72
CA HIS B 347 -49.29 28.92 11.42
C HIS B 347 -47.85 28.43 11.55
N ILE B 348 -47.10 28.99 12.50
CA ILE B 348 -45.71 28.58 12.68
C ILE B 348 -45.63 27.14 13.20
N ASP B 349 -46.56 26.76 14.08
CA ASP B 349 -46.55 25.40 14.61
C ASP B 349 -46.77 24.38 13.50
N ARG B 350 -47.68 24.67 12.58
CA ARG B 350 -47.89 23.75 11.45
C ARG B 350 -46.71 23.79 10.49
N ALA B 351 -46.21 24.99 10.18
CA ALA B 351 -45.10 25.11 9.24
C ALA B 351 -43.85 24.41 9.75
N LEU B 352 -43.68 24.36 11.07
CA LEU B 352 -42.49 23.74 11.63
C LEU B 352 -42.42 22.27 11.27
N ASP B 353 -43.50 21.53 11.55
CA ASP B 353 -43.44 20.09 11.28
C ASP B 353 -43.52 19.81 9.79
N ALA B 354 -44.21 20.68 9.02
CA ALA B 354 -44.18 20.51 7.57
C ALA B 354 -42.75 20.65 7.03
N THR B 355 -42.04 21.67 7.50
CA THR B 355 -40.67 21.88 7.05
C THR B 355 -39.75 20.77 7.52
N GLU B 356 -40.00 20.26 8.74
CA GLU B 356 -39.19 19.14 9.23
C GLU B 356 -39.40 17.90 8.37
N ILE B 357 -40.65 17.63 8.00
CA ILE B 357 -40.94 16.51 7.12
C ILE B 357 -40.20 16.68 5.80
N LEU B 358 -40.24 17.89 5.24
CA LEU B 358 -39.54 18.15 3.98
C LEU B 358 -38.04 17.94 4.14
N GLY B 359 -37.47 18.39 5.26
CA GLY B 359 -36.03 18.32 5.43
C GLY B 359 -35.52 16.92 5.73
N ILE B 360 -36.40 16.06 6.25
CA ILE B 360 -36.02 14.69 6.56
C ILE B 360 -35.56 13.98 5.28
N LEU B 361 -36.08 14.43 4.13
CA LEU B 361 -35.83 13.78 2.84
C LEU B 361 -34.35 13.72 2.47
N HIS B 362 -33.48 14.37 3.25
CA HIS B 362 -32.05 14.23 3.00
C HIS B 362 -31.61 12.79 3.16
N SER B 363 -32.18 12.08 4.14
CA SER B 363 -31.83 10.68 4.36
C SER B 363 -32.17 9.79 3.19
N CYS B 364 -33.22 10.10 2.44
CA CYS B 364 -33.58 9.27 1.30
C CYS B 364 -32.94 9.77 0.01
N LEU B 365 -32.59 11.04 -0.07
CA LEU B 365 -32.00 11.59 -1.29
C LEU B 365 -30.49 11.51 -1.34
N ASN B 366 -29.81 11.31 -0.20
CA ASN B 366 -28.36 11.28 -0.20
C ASN B 366 -27.76 10.20 -1.10
N PRO B 367 -28.22 8.95 -1.09
CA PRO B 367 -27.57 7.94 -1.93
C PRO B 367 -27.60 8.27 -3.42
N LEU B 368 -28.80 8.49 -3.98
CA LEU B 368 -28.90 8.80 -5.40
C LEU B 368 -28.08 10.03 -5.76
N ILE B 369 -28.04 11.01 -4.85
CA ILE B 369 -27.37 12.27 -5.15
C ILE B 369 -25.86 12.09 -5.17
N TYR B 370 -25.31 11.35 -4.21
CA TYR B 370 -23.87 11.30 -4.02
C TYR B 370 -23.22 10.07 -4.66
N ALA B 371 -23.72 8.87 -4.35
CA ALA B 371 -23.06 7.65 -4.81
C ALA B 371 -23.65 7.13 -6.12
N PHE B 372 -24.95 6.88 -6.16
CA PHE B 372 -25.55 6.21 -7.30
C PHE B 372 -25.55 7.07 -8.56
N ILE B 373 -25.24 8.36 -8.45
CA ILE B 373 -25.17 9.23 -9.62
C ILE B 373 -23.90 9.03 -10.43
N GLY B 374 -22.91 8.36 -9.86
CA GLY B 374 -21.66 8.09 -10.56
C GLY B 374 -21.70 6.72 -11.21
N GLN B 375 -20.93 6.59 -12.30
CA GLN B 375 -20.90 5.33 -13.03
C GLN B 375 -20.28 4.22 -12.21
N LYS B 376 -19.33 4.54 -11.34
CA LYS B 376 -18.60 3.52 -10.59
C LYS B 376 -19.54 2.70 -9.72
N PHE B 377 -20.47 3.36 -9.04
CA PHE B 377 -21.35 2.64 -8.12
C PHE B 377 -22.39 1.83 -8.87
N ARG B 378 -22.92 2.35 -9.97
CA ARG B 378 -23.84 1.57 -10.78
C ARG B 378 -23.17 0.32 -11.33
N HIS B 379 -21.94 0.47 -11.81
CA HIS B 379 -21.19 -0.69 -12.29
C HIS B 379 -20.93 -1.68 -11.16
N GLY B 380 -20.56 -1.18 -9.99
CA GLY B 380 -20.32 -2.05 -8.86
C GLY B 380 -21.56 -2.84 -8.47
N LEU B 381 -22.71 -2.17 -8.41
CA LEU B 381 -23.96 -2.86 -8.11
C LEU B 381 -24.28 -3.91 -9.17
N LEU B 382 -24.09 -3.56 -10.45
CA LEU B 382 -24.39 -4.51 -11.52
C LEU B 382 -23.53 -5.76 -11.40
N LYS B 383 -22.23 -5.58 -11.12
CA LYS B 383 -21.36 -6.74 -10.96
C LYS B 383 -21.69 -7.53 -9.70
N ILE B 384 -22.12 -6.83 -8.64
CA ILE B 384 -22.53 -7.52 -7.42
C ILE B 384 -23.77 -8.37 -7.66
N LEU B 385 -24.64 -7.96 -8.59
CA LEU B 385 -25.87 -8.71 -8.85
C LEU B 385 -25.61 -10.14 -9.27
N ALA B 386 -24.42 -10.44 -9.78
CA ALA B 386 -24.08 -11.82 -10.15
C ALA B 386 -23.93 -12.70 -8.91
N THR C 16 11.12 -9.34 19.69
CA THR C 16 11.28 -7.97 20.19
C THR C 16 11.80 -8.05 21.63
N LEU C 17 11.69 -9.25 22.21
CA LEU C 17 12.13 -9.44 23.59
C LEU C 17 13.62 -9.19 23.75
N SER C 18 14.43 -9.65 22.80
CA SER C 18 15.87 -9.49 22.90
C SER C 18 16.29 -8.07 22.54
N ALA C 19 17.53 -7.74 22.91
CA ALA C 19 18.07 -6.41 22.60
C ALA C 19 18.40 -6.29 21.11
N GLU C 20 19.03 -7.32 20.55
CA GLU C 20 19.37 -7.29 19.12
C GLU C 20 18.12 -7.24 18.26
N GLU C 21 17.05 -7.94 18.67
CA GLU C 21 15.81 -7.87 17.93
C GLU C 21 15.16 -6.50 18.04
N ARG C 22 15.30 -5.84 19.20
CA ARG C 22 14.83 -4.46 19.33
C ARG C 22 15.57 -3.54 18.38
N ALA C 23 16.90 -3.71 18.28
CA ALA C 23 17.67 -2.88 17.35
C ALA C 23 17.29 -3.17 15.91
N ALA C 24 17.03 -4.44 15.58
CA ALA C 24 16.58 -4.78 14.24
C ALA C 24 15.24 -4.13 13.93
N LEU C 25 14.32 -4.12 14.91
CA LEU C 25 13.03 -3.47 14.71
C LEU C 25 13.20 -1.97 14.51
N GLU C 26 14.12 -1.35 15.25
CA GLU C 26 14.41 0.07 15.06
C GLU C 26 14.95 0.33 13.66
N ARG C 27 15.84 -0.54 13.18
CA ARG C 27 16.37 -0.40 11.82
C ARG C 27 15.26 -0.54 10.79
N SER C 28 14.35 -1.50 11.00
CA SER C 28 13.22 -1.67 10.08
C SER C 28 12.33 -0.43 10.08
N LYS C 29 12.07 0.16 11.25
CA LYS C 29 11.26 1.36 11.30
C LYS C 29 11.94 2.53 10.59
N ALA C 30 13.26 2.65 10.75
CA ALA C 30 13.98 3.70 10.05
C ALA C 30 13.91 3.51 8.54
N ILE C 31 14.04 2.26 8.07
CA ILE C 31 13.93 1.98 6.64
C ILE C 31 12.52 2.31 6.16
N GLU C 32 11.50 1.99 6.96
CA GLU C 32 10.13 2.31 6.59
C GLU C 32 9.93 3.82 6.47
N LYS C 33 10.49 4.59 7.40
CA LYS C 33 10.39 6.04 7.32
C LYS C 33 11.08 6.57 6.07
N ASN C 34 12.26 6.04 5.75
CA ASN C 34 12.95 6.45 4.54
C ASN C 34 12.13 6.13 3.29
N LEU C 35 11.52 4.95 3.26
CA LEU C 35 10.68 4.58 2.12
C LEU C 35 9.49 5.51 1.98
N LYS C 36 8.85 5.85 3.11
CA LYS C 36 7.70 6.75 3.05
C LYS C 36 8.11 8.13 2.56
N GLU C 37 9.24 8.64 3.04
CA GLU C 37 9.72 9.95 2.59
C GLU C 37 10.03 9.93 1.10
N ASP C 38 10.69 8.86 0.63
CA ASP C 38 11.01 8.76 -0.79
C ASP C 38 9.74 8.67 -1.64
N GLY C 39 8.73 7.95 -1.16
CA GLY C 39 7.47 7.89 -1.87
C GLY C 39 6.74 9.23 -1.91
N ILE C 40 6.83 9.99 -0.81
CA ILE C 40 6.25 11.33 -0.78
C ILE C 40 6.93 12.22 -1.81
N SER C 41 8.27 12.16 -1.85
CA SER C 41 9.00 12.95 -2.83
C SER C 41 8.83 12.45 -4.26
N ALA C 42 8.25 11.27 -4.45
CA ALA C 42 8.09 10.68 -5.77
C ALA C 42 6.68 10.87 -6.33
N ALA C 43 5.84 11.68 -5.69
CA ALA C 43 4.51 11.96 -6.20
C ALA C 43 4.41 13.32 -6.87
N LYS C 44 5.43 14.17 -6.73
CA LYS C 44 5.39 15.49 -7.35
C LYS C 44 5.57 15.41 -8.86
N ASP C 45 6.30 14.41 -9.35
CA ASP C 45 6.60 14.33 -10.77
C ASP C 45 5.39 13.81 -11.56
N VAL C 46 5.41 14.08 -12.86
CA VAL C 46 4.39 13.63 -13.80
C VAL C 46 5.06 12.76 -14.85
N LYS C 47 4.55 11.54 -15.01
CA LYS C 47 5.16 10.55 -15.89
C LYS C 47 4.40 10.52 -17.21
N LEU C 48 5.08 10.87 -18.30
CA LEU C 48 4.49 10.88 -19.62
C LEU C 48 5.25 9.93 -20.53
N LEU C 49 4.57 9.45 -21.56
CA LEU C 49 5.13 8.51 -22.52
C LEU C 49 5.23 9.18 -23.89
N LEU C 50 6.39 9.05 -24.53
CA LEU C 50 6.60 9.58 -25.87
C LEU C 50 6.50 8.46 -26.90
N LEU C 51 5.85 8.74 -28.02
CA LEU C 51 5.64 7.74 -29.05
C LEU C 51 5.53 8.42 -30.40
N GLY C 52 5.67 7.63 -31.45
CA GLY C 52 5.58 8.15 -32.80
C GLY C 52 6.56 7.50 -33.75
N ALA C 53 6.44 7.80 -35.04
CA ALA C 53 7.34 7.24 -36.03
C ALA C 53 8.72 7.89 -35.91
N ASP C 54 9.71 7.23 -36.50
CA ASP C 54 11.07 7.73 -36.48
C ASP C 54 11.19 9.01 -37.30
N ASN C 55 12.12 9.88 -36.90
CA ASN C 55 12.37 11.16 -37.55
C ASN C 55 11.12 12.03 -37.57
N SER C 56 10.30 11.94 -36.53
CA SER C 56 9.11 12.76 -36.39
C SER C 56 9.29 13.87 -35.36
N GLY C 57 10.52 14.11 -34.90
CA GLY C 57 10.75 15.09 -33.85
C GLY C 57 10.37 14.63 -32.47
N LYS C 58 10.30 13.32 -32.24
CA LYS C 58 9.88 12.77 -30.96
C LYS C 58 10.90 13.03 -29.85
N SER C 59 12.11 13.49 -30.19
CA SER C 59 13.11 13.82 -29.19
C SER C 59 13.45 15.31 -29.16
N THR C 60 12.74 16.13 -29.92
CA THR C 60 13.03 17.56 -30.04
C THR C 60 11.75 18.38 -29.86
N ILE C 61 10.98 18.06 -28.82
CA ILE C 61 9.76 18.82 -28.56
C ILE C 61 10.07 20.12 -27.82
N VAL C 62 10.66 20.01 -26.63
CA VAL C 62 10.99 21.16 -25.81
C VAL C 62 12.49 21.38 -25.84
N LYS C 63 12.90 22.65 -26.03
CA LYS C 63 14.32 22.97 -26.06
C LYS C 63 14.97 22.80 -24.69
N GLN C 64 14.20 22.87 -23.61
CA GLN C 64 14.70 22.62 -22.26
C GLN C 64 14.74 21.11 -22.06
N MET C 65 15.78 20.49 -22.61
CA MET C 65 15.79 19.03 -22.70
C MET C 65 16.25 18.38 -21.38
N LYS C 66 17.48 18.66 -20.95
CA LYS C 66 18.02 18.15 -19.68
C LYS C 66 17.73 16.66 -19.51
N ILE C 67 18.37 15.85 -20.37
CA ILE C 67 18.07 14.42 -20.45
C ILE C 67 18.20 13.77 -19.07
N ILE C 68 19.40 13.79 -18.51
CA ILE C 68 19.65 13.17 -17.21
C ILE C 68 21.02 13.59 -16.67
N THR C 79 21.64 2.47 -25.57
CA THR C 79 20.50 1.68 -26.02
C THR C 79 19.67 1.20 -24.82
N GLY C 80 18.37 1.44 -24.88
CA GLY C 80 17.48 1.07 -23.80
C GLY C 80 16.27 1.99 -23.71
N ILE C 81 16.03 2.56 -22.54
CA ILE C 81 14.96 3.53 -22.34
C ILE C 81 15.59 4.88 -22.03
N VAL C 82 15.05 5.93 -22.64
CA VAL C 82 15.61 7.27 -22.55
C VAL C 82 14.63 8.14 -21.76
N GLU C 83 15.14 8.82 -20.73
CA GLU C 83 14.33 9.64 -19.84
C GLU C 83 14.68 11.10 -20.03
N THR C 84 13.66 11.95 -20.01
CA THR C 84 13.80 13.41 -20.09
C THR C 84 12.98 14.02 -18.98
N HIS C 85 13.59 14.88 -18.16
CA HIS C 85 13.00 15.31 -16.90
C HIS C 85 12.95 16.83 -16.80
N PHE C 86 12.45 17.50 -17.84
CA PHE C 86 12.26 18.94 -17.76
C PHE C 86 11.14 19.28 -16.79
N THR C 87 11.20 20.48 -16.23
CA THR C 87 10.25 20.93 -15.22
C THR C 87 9.61 22.25 -15.66
N PHE C 88 8.41 22.50 -15.14
CA PHE C 88 7.65 23.69 -15.53
C PHE C 88 6.58 23.95 -14.47
N LYS C 89 6.45 25.21 -14.06
CA LYS C 89 5.43 25.65 -13.11
C LYS C 89 5.43 24.81 -11.84
N ASN C 90 6.63 24.59 -11.29
CA ASN C 90 6.81 23.82 -10.06
C ASN C 90 6.23 22.42 -10.19
N LEU C 91 6.32 21.86 -11.40
CA LEU C 91 5.81 20.53 -11.68
C LEU C 91 6.81 19.81 -12.57
N HIS C 92 7.12 18.57 -12.24
CA HIS C 92 8.17 17.81 -12.91
C HIS C 92 7.54 16.86 -13.91
N PHE C 93 7.99 16.94 -15.17
CA PHE C 93 7.52 16.08 -16.25
C PHE C 93 8.65 15.15 -16.65
N ARG C 94 8.39 13.85 -16.63
CA ARG C 94 9.36 12.83 -17.01
C ARG C 94 8.85 12.15 -18.28
N LEU C 95 9.56 12.37 -19.39
CA LEU C 95 9.19 11.81 -20.68
C LEU C 95 10.01 10.56 -20.95
N PHE C 96 9.35 9.40 -20.96
CA PHE C 96 10.01 8.13 -21.23
C PHE C 96 9.92 7.85 -22.72
N ASP C 97 11.04 7.97 -23.43
CA ASP C 97 11.10 7.66 -24.85
C ASP C 97 11.44 6.18 -25.00
N VAL C 98 10.48 5.39 -25.47
CA VAL C 98 10.62 3.94 -25.54
C VAL C 98 11.35 3.53 -26.81
N GLY C 99 11.84 4.52 -27.57
CA GLY C 99 12.52 4.21 -28.81
C GLY C 99 13.81 3.45 -28.59
N GLY C 100 14.17 2.64 -29.59
CA GLY C 100 15.39 1.86 -29.55
C GLY C 100 15.25 0.47 -28.98
N GLN C 101 14.10 0.14 -28.36
CA GLN C 101 13.93 -1.19 -27.79
C GLN C 101 13.89 -2.26 -28.88
N ARG C 102 13.15 -2.00 -29.95
CA ARG C 102 13.06 -2.92 -31.11
C ARG C 102 12.65 -4.32 -30.69
N SER C 103 11.69 -4.41 -29.78
CA SER C 103 11.18 -5.71 -29.33
C SER C 103 9.66 -5.75 -29.44
N GLU C 104 9.05 -6.80 -28.92
CA GLU C 104 7.59 -6.93 -28.94
C GLU C 104 7.01 -6.05 -27.83
N ARG C 105 6.15 -5.10 -28.22
CA ARG C 105 5.60 -4.16 -27.26
C ARG C 105 4.66 -4.82 -26.27
N LYS C 106 4.09 -5.99 -26.60
CA LYS C 106 3.12 -6.62 -25.72
C LYS C 106 3.72 -7.10 -24.39
N LYS C 107 5.05 -7.15 -24.27
CA LYS C 107 5.67 -7.72 -23.09
C LYS C 107 6.20 -6.69 -22.10
N TRP C 108 6.42 -5.44 -22.52
CA TRP C 108 6.90 -4.42 -21.60
C TRP C 108 6.06 -3.15 -21.59
N ILE C 109 5.07 -3.01 -22.48
CA ILE C 109 4.27 -1.80 -22.50
C ILE C 109 3.42 -1.66 -21.24
N HIS C 110 3.18 -2.75 -20.51
CA HIS C 110 2.44 -2.65 -19.27
C HIS C 110 3.25 -2.03 -18.14
N CYS C 111 4.56 -1.83 -18.35
CA CYS C 111 5.36 -1.10 -17.38
C CYS C 111 4.96 0.37 -17.30
N PHE C 112 4.28 0.89 -18.32
CA PHE C 112 3.86 2.29 -18.37
C PHE C 112 2.35 2.45 -18.21
N GLU C 113 1.73 1.55 -17.45
CA GLU C 113 0.28 1.64 -17.25
C GLU C 113 -0.12 2.91 -16.50
N ASP C 114 0.78 3.44 -15.67
CA ASP C 114 0.44 4.54 -14.77
C ASP C 114 0.87 5.90 -15.31
N VAL C 115 1.23 6.00 -16.59
CA VAL C 115 1.62 7.28 -17.16
C VAL C 115 0.41 8.21 -17.21
N THR C 116 0.66 9.49 -16.99
CA THR C 116 -0.43 10.47 -17.00
C THR C 116 -1.03 10.61 -18.40
N ALA C 117 -0.20 10.58 -19.44
CA ALA C 117 -0.69 10.79 -20.80
C ALA C 117 0.31 10.18 -21.76
N ILE C 118 -0.05 10.18 -23.05
CA ILE C 118 0.81 9.74 -24.14
C ILE C 118 1.02 10.93 -25.06
N ILE C 119 2.29 11.26 -25.33
CA ILE C 119 2.62 12.33 -26.25
C ILE C 119 2.95 11.71 -27.59
N PHE C 120 2.06 11.87 -28.56
CA PHE C 120 2.22 11.30 -29.89
C PHE C 120 2.70 12.40 -30.84
N CYS C 121 3.83 12.15 -31.49
CA CYS C 121 4.42 13.12 -32.41
C CYS C 121 4.31 12.58 -33.82
N VAL C 122 3.69 13.36 -34.71
CA VAL C 122 3.48 12.98 -36.09
C VAL C 122 4.11 14.05 -36.99
N ASP C 123 4.93 13.60 -37.95
CA ASP C 123 5.54 14.50 -38.91
C ASP C 123 4.70 14.51 -40.19
N LEU C 124 4.23 15.68 -40.57
CA LEU C 124 3.35 15.82 -41.73
C LEU C 124 4.11 15.87 -43.05
N SER C 125 5.42 16.06 -43.02
CA SER C 125 6.18 16.16 -44.26
C SER C 125 6.50 14.81 -44.88
N ASP C 126 6.36 13.72 -44.13
CA ASP C 126 6.61 12.38 -44.64
C ASP C 126 5.26 11.71 -44.88
N HIS C 131 1.01 6.63 -43.08
CA HIS C 131 0.27 5.39 -42.87
C HIS C 131 0.85 4.60 -41.71
N GLU C 132 2.18 4.55 -41.60
CA GLU C 132 2.79 3.88 -40.46
C GLU C 132 2.43 4.57 -39.16
N SER C 133 2.46 5.91 -39.14
CA SER C 133 2.09 6.65 -37.94
C SER C 133 0.65 6.38 -37.55
N LEU C 134 -0.25 6.33 -38.54
CA LEU C 134 -1.63 5.96 -38.26
C LEU C 134 -1.73 4.55 -37.70
N MET C 135 -0.88 3.64 -38.18
CA MET C 135 -0.90 2.27 -37.69
C MET C 135 -0.49 2.20 -36.22
N LEU C 136 0.61 2.89 -35.88
CA LEU C 136 1.03 2.94 -34.46
C LEU C 136 -0.09 3.55 -33.64
N PHE C 137 -0.64 4.64 -34.12
CA PHE C 137 -1.67 5.33 -33.35
C PHE C 137 -2.86 4.42 -33.09
N ASP C 138 -3.30 3.67 -34.11
CA ASP C 138 -4.39 2.73 -33.92
C ASP C 138 -4.02 1.65 -32.92
N SER C 139 -2.79 1.15 -33.00
CA SER C 139 -2.35 0.10 -32.09
C SER C 139 -2.29 0.61 -30.65
N ILE C 140 -1.82 1.84 -30.45
CA ILE C 140 -1.58 2.33 -29.09
C ILE C 140 -2.88 2.85 -28.47
N CYS C 141 -3.81 3.33 -29.29
CA CYS C 141 -5.04 3.90 -28.75
C CYS C 141 -5.99 2.81 -28.25
N ASN C 142 -6.05 1.68 -28.95
CA ASN C 142 -6.96 0.59 -28.61
C ASN C 142 -6.30 -0.49 -27.78
N ASN C 143 -5.10 -0.24 -27.26
CA ASN C 143 -4.46 -1.20 -26.38
C ASN C 143 -5.25 -1.33 -25.07
N LYS C 144 -5.26 -2.55 -24.53
CA LYS C 144 -6.09 -2.82 -23.36
C LYS C 144 -5.56 -2.12 -22.11
N PHE C 145 -4.27 -1.80 -22.06
CA PHE C 145 -3.72 -1.12 -20.89
C PHE C 145 -4.06 0.37 -20.89
N PHE C 146 -4.17 0.99 -22.06
CA PHE C 146 -4.33 2.44 -22.19
C PHE C 146 -5.72 2.82 -22.68
N ILE C 147 -6.74 2.10 -22.21
CA ILE C 147 -8.12 2.42 -22.57
C ILE C 147 -8.57 3.72 -21.94
N ASP C 148 -7.99 4.11 -20.80
CA ASP C 148 -8.40 5.31 -20.09
C ASP C 148 -7.34 6.39 -20.07
N THR C 149 -6.18 6.17 -20.69
CA THR C 149 -5.11 7.15 -20.69
C THR C 149 -5.27 8.08 -21.89
N SER C 150 -5.38 9.38 -21.62
CA SER C 150 -5.56 10.36 -22.67
C SER C 150 -4.28 10.52 -23.49
N ILE C 151 -4.44 11.01 -24.72
CA ILE C 151 -3.35 11.15 -25.67
C ILE C 151 -3.21 12.62 -26.05
N ILE C 152 -1.98 13.12 -25.98
CA ILE C 152 -1.65 14.45 -26.47
C ILE C 152 -0.98 14.28 -27.83
N LEU C 153 -1.61 14.79 -28.86
CA LEU C 153 -1.14 14.60 -30.23
C LEU C 153 -0.46 15.87 -30.72
N PHE C 154 0.77 15.73 -31.20
CA PHE C 154 1.55 16.84 -31.72
C PHE C 154 1.78 16.64 -33.21
N LEU C 155 1.40 17.62 -34.01
CA LEU C 155 1.61 17.60 -35.45
C LEU C 155 2.76 18.55 -35.76
N ASN C 156 3.93 18.00 -36.04
CA ASN C 156 5.14 18.78 -36.21
C ASN C 156 5.30 19.26 -37.66
N LYS C 157 6.20 20.22 -37.83
CA LYS C 157 6.64 20.69 -39.15
C LYS C 157 5.48 21.21 -39.98
N LYS C 158 4.87 22.29 -39.49
CA LYS C 158 3.82 22.96 -40.26
C LYS C 158 4.38 23.56 -41.55
N ASP C 159 5.53 24.22 -41.46
CA ASP C 159 6.10 24.90 -42.62
C ASP C 159 6.49 23.89 -43.70
N LEU C 160 7.09 22.77 -43.30
CA LEU C 160 7.49 21.76 -44.28
C LEU C 160 6.26 21.17 -44.97
N PHE C 161 5.20 20.90 -44.21
CA PHE C 161 3.98 20.37 -44.81
C PHE C 161 3.36 21.38 -45.77
N GLY C 162 3.32 22.65 -45.37
CA GLY C 162 2.76 23.68 -46.24
C GLY C 162 3.56 23.89 -47.50
N GLU C 163 4.87 23.73 -47.43
CA GLU C 163 5.69 23.84 -48.63
C GLU C 163 5.58 22.61 -49.51
N LYS C 164 5.43 21.43 -48.91
CA LYS C 164 5.34 20.19 -49.68
C LYS C 164 3.99 20.00 -50.35
N ILE C 165 2.91 20.50 -49.73
CA ILE C 165 1.59 20.27 -50.30
C ILE C 165 1.44 20.98 -51.64
N LYS C 166 2.05 22.16 -51.80
CA LYS C 166 2.00 22.85 -53.07
C LYS C 166 2.69 22.06 -54.17
N LYS C 167 3.86 21.48 -53.86
CA LYS C 167 4.58 20.69 -54.85
C LYS C 167 3.83 19.40 -55.17
N SER C 168 3.30 18.72 -54.15
CA SER C 168 2.61 17.45 -54.33
C SER C 168 1.29 17.50 -53.57
N PRO C 169 0.15 17.32 -54.24
CA PRO C 169 -1.14 17.34 -53.53
C PRO C 169 -1.28 16.15 -52.58
N LEU C 170 -2.08 16.35 -51.53
CA LEU C 170 -2.31 15.32 -50.52
C LEU C 170 -3.27 14.28 -51.08
N THR C 171 -2.78 13.52 -52.06
CA THR C 171 -3.55 12.45 -52.67
C THR C 171 -2.79 11.15 -52.84
N ILE C 172 -1.46 11.17 -52.84
CA ILE C 172 -0.70 9.94 -53.03
C ILE C 172 -0.86 9.02 -51.83
N CYS C 173 -0.81 9.56 -50.62
CA CYS C 173 -0.98 8.75 -49.42
C CYS C 173 -2.44 8.64 -49.01
N PHE C 174 -3.25 9.67 -49.27
CA PHE C 174 -4.68 9.65 -48.98
C PHE C 174 -5.45 9.77 -50.29
N PRO C 175 -5.67 8.66 -51.00
CA PRO C 175 -6.45 8.73 -52.24
C PRO C 175 -7.91 9.06 -52.04
N GLU C 176 -8.42 8.92 -50.82
CA GLU C 176 -9.83 9.19 -50.52
C GLU C 176 -10.11 10.67 -50.33
N TYR C 177 -9.09 11.53 -50.34
CA TYR C 177 -9.30 12.96 -50.14
C TYR C 177 -10.11 13.56 -51.28
N THR C 178 -11.01 14.49 -50.92
CA THR C 178 -11.84 15.19 -51.89
C THR C 178 -11.89 16.69 -51.68
N GLY C 179 -11.51 17.20 -50.51
CA GLY C 179 -11.63 18.61 -50.22
C GLY C 179 -10.56 19.43 -50.88
N PRO C 180 -10.59 20.73 -50.59
CA PRO C 180 -9.62 21.66 -51.21
C PRO C 180 -8.19 21.35 -50.77
N ASN C 181 -7.25 21.70 -51.64
CA ASN C 181 -5.83 21.45 -51.41
C ASN C 181 -5.17 22.52 -50.55
N THR C 182 -5.93 23.34 -49.85
CA THR C 182 -5.33 24.38 -49.01
C THR C 182 -4.75 23.75 -47.75
N TYR C 183 -3.91 24.54 -47.07
CA TYR C 183 -3.21 24.05 -45.88
C TYR C 183 -4.17 23.70 -44.76
N GLU C 184 -5.11 24.61 -44.47
CA GLU C 184 -6.00 24.44 -43.33
C GLU C 184 -6.88 23.19 -43.49
N ASP C 185 -7.48 23.02 -44.66
CA ASP C 185 -8.38 21.89 -44.88
C ASP C 185 -7.62 20.56 -44.85
N ALA C 186 -6.43 20.52 -45.46
CA ALA C 186 -5.63 19.30 -45.43
C ALA C 186 -5.21 18.94 -44.02
N ALA C 187 -4.77 19.94 -43.24
CA ALA C 187 -4.40 19.68 -41.86
C ALA C 187 -5.58 19.20 -41.03
N ALA C 188 -6.75 19.81 -41.24
CA ALA C 188 -7.94 19.37 -40.52
C ALA C 188 -8.33 17.95 -40.93
N TYR C 189 -8.16 17.60 -42.20
CA TYR C 189 -8.46 16.25 -42.65
C TYR C 189 -7.55 15.22 -42.00
N ILE C 190 -6.24 15.53 -41.93
CA ILE C 190 -5.31 14.64 -41.25
C ILE C 190 -5.66 14.51 -39.77
N GLN C 191 -6.00 15.63 -39.14
CA GLN C 191 -6.41 15.59 -37.74
C GLN C 191 -7.66 14.74 -37.55
N ALA C 192 -8.61 14.83 -38.49
CA ALA C 192 -9.84 14.05 -38.40
C ALA C 192 -9.56 12.56 -38.52
N GLN C 193 -8.70 12.16 -39.46
CA GLN C 193 -8.34 10.74 -39.55
C GLN C 193 -7.53 10.27 -38.36
N PHE C 194 -6.76 11.15 -37.73
CA PHE C 194 -6.06 10.74 -36.52
C PHE C 194 -7.00 10.60 -35.32
N GLU C 195 -8.03 11.45 -35.24
CA GLU C 195 -9.01 11.34 -34.16
C GLU C 195 -10.03 10.24 -34.39
N SER C 196 -10.22 9.81 -35.64
CA SER C 196 -11.22 8.79 -35.94
C SER C 196 -10.84 7.41 -35.40
N LYS C 197 -9.58 7.21 -35.04
CA LYS C 197 -9.14 5.93 -34.48
C LYS C 197 -9.33 5.84 -32.98
N ASN C 198 -9.91 6.87 -32.35
CA ASN C 198 -10.14 6.86 -30.91
C ASN C 198 -11.07 5.72 -30.53
N ARG C 199 -12.33 5.80 -30.97
CA ARG C 199 -13.29 4.70 -30.83
C ARG C 199 -13.40 4.21 -29.39
N SER C 200 -13.36 5.15 -28.44
CA SER C 200 -13.38 4.75 -27.04
C SER C 200 -13.92 5.88 -26.18
N PRO C 201 -14.69 5.55 -25.14
CA PRO C 201 -15.10 6.58 -24.17
C PRO C 201 -14.01 6.77 -23.13
N ASN C 202 -14.23 7.76 -22.26
CA ASN C 202 -13.33 8.07 -21.16
C ASN C 202 -11.94 8.50 -21.64
N LYS C 203 -11.83 8.92 -22.89
CA LYS C 203 -10.55 9.33 -23.46
C LYS C 203 -10.74 10.59 -24.27
N GLU C 204 -9.79 11.51 -24.16
CA GLU C 204 -9.77 12.74 -24.95
C GLU C 204 -8.42 12.87 -25.62
N ILE C 205 -8.42 13.36 -26.86
CA ILE C 205 -7.21 13.62 -27.61
C ILE C 205 -7.04 15.13 -27.71
N TYR C 206 -5.91 15.62 -27.20
CA TYR C 206 -5.60 17.04 -27.22
C TYR C 206 -4.62 17.31 -28.35
N CYS C 207 -4.98 18.20 -29.26
CA CYS C 207 -4.23 18.44 -30.48
C CYS C 207 -3.53 19.79 -30.42
N HIS C 208 -2.40 19.89 -31.12
CA HIS C 208 -1.63 21.12 -31.20
C HIS C 208 -0.73 21.01 -32.42
N MET C 209 -0.54 22.14 -33.09
CA MET C 209 0.27 22.19 -34.31
C MET C 209 1.56 22.92 -34.00
N THR C 210 2.68 22.25 -34.24
CA THR C 210 3.99 22.73 -33.81
C THR C 210 4.94 22.86 -35.01
N CYS C 211 5.80 23.86 -34.94
CA CYS C 211 6.88 24.05 -35.90
C CYS C 211 8.22 23.85 -35.20
N ALA C 212 9.29 23.89 -36.00
CA ALA C 212 10.63 23.74 -35.43
C ALA C 212 10.96 24.86 -34.47
N THR C 213 10.61 26.10 -34.83
CA THR C 213 10.92 27.27 -34.02
C THR C 213 9.75 27.62 -33.10
N ASP C 214 9.36 26.64 -32.28
CA ASP C 214 8.31 26.82 -31.28
C ASP C 214 8.85 26.52 -29.91
N THR C 215 8.51 27.37 -28.94
CA THR C 215 9.03 27.25 -27.58
C THR C 215 7.97 26.98 -26.53
N ASN C 216 6.69 27.22 -26.83
CA ASN C 216 5.62 27.08 -25.85
C ASN C 216 5.08 25.66 -25.74
N ASN C 217 5.83 24.66 -26.21
CA ASN C 217 5.38 23.27 -26.08
C ASN C 217 5.23 22.86 -24.62
N ALA C 218 6.09 23.38 -23.75
CA ALA C 218 5.97 23.07 -22.32
C ALA C 218 4.63 23.56 -21.78
N GLN C 219 4.19 24.75 -22.18
CA GLN C 219 2.92 25.29 -21.73
C GLN C 219 1.76 24.41 -22.19
N VAL C 220 1.80 23.97 -23.46
CA VAL C 220 0.74 23.12 -23.99
C VAL C 220 0.70 21.79 -23.25
N ILE C 221 1.86 21.20 -23.00
CA ILE C 221 1.92 19.95 -22.24
C ILE C 221 1.35 20.16 -20.84
N PHE C 222 1.67 21.30 -20.21
CA PHE C 222 1.16 21.57 -18.88
C PHE C 222 -0.36 21.67 -18.87
N ASP C 223 -0.93 22.38 -19.86
CA ASP C 223 -2.39 22.48 -19.92
C ASP C 223 -3.04 21.13 -20.15
N ALA C 224 -2.48 20.33 -21.06
CA ALA C 224 -3.05 19.01 -21.33
C ALA C 224 -2.98 18.12 -20.08
N VAL C 225 -1.85 18.14 -19.39
CA VAL C 225 -1.68 17.30 -18.22
C VAL C 225 -2.61 17.74 -17.10
N THR C 226 -2.76 19.05 -16.88
CA THR C 226 -3.65 19.51 -15.83
C THR C 226 -5.11 19.20 -16.17
N ASP C 227 -5.48 19.28 -17.46
CA ASP C 227 -6.82 18.91 -17.86
C ASP C 227 -7.07 17.42 -17.61
N ILE C 228 -6.09 16.58 -17.93
CA ILE C 228 -6.22 15.15 -17.70
C ILE C 228 -6.35 14.86 -16.21
N ILE C 229 -5.57 15.55 -15.38
CA ILE C 229 -5.65 15.36 -13.94
C ILE C 229 -7.01 15.78 -13.41
N ILE C 230 -7.53 16.91 -13.92
CA ILE C 230 -8.86 17.36 -13.51
C ILE C 230 -9.91 16.30 -13.85
N ALA C 231 -9.82 15.73 -15.06
CA ALA C 231 -10.79 14.72 -15.46
C ALA C 231 -10.69 13.47 -14.59
N ASN C 232 -9.47 13.02 -14.30
CA ASN C 232 -9.30 11.85 -13.44
C ASN C 232 -9.84 12.10 -12.04
N ASN C 233 -9.56 13.28 -11.48
CA ASN C 233 -10.10 13.60 -10.15
C ASN C 233 -11.61 13.69 -10.17
N LEU C 234 -12.18 14.23 -11.26
CA LEU C 234 -13.63 14.27 -11.41
C LEU C 234 -14.21 12.86 -11.40
N ARG C 235 -13.58 11.94 -12.12
CA ARG C 235 -14.07 10.57 -12.14
C ARG C 235 -13.95 9.91 -10.78
N GLY C 236 -12.84 10.16 -10.07
CA GLY C 236 -12.66 9.57 -8.76
C GLY C 236 -13.67 10.08 -7.75
N CYS C 237 -13.96 11.38 -7.77
CA CYS C 237 -14.89 11.98 -6.82
C CYS C 237 -16.32 11.54 -7.04
N GLY C 238 -16.62 10.89 -8.16
CA GLY C 238 -17.97 10.45 -8.44
C GLY C 238 -18.87 11.48 -9.08
N LEU C 239 -18.36 12.67 -9.40
CA LEU C 239 -19.19 13.69 -10.03
C LEU C 239 -19.68 13.22 -11.40
N TYR C 240 -18.89 12.45 -12.12
CA TYR C 240 -19.30 11.95 -13.47
C TYR C 240 -18.71 10.58 -13.81
N ASP D 15 16.45 -24.96 -50.87
CA ASP D 15 15.18 -25.59 -51.19
C ASP D 15 15.14 -27.02 -50.67
N GLN D 16 16.19 -27.80 -50.96
CA GLN D 16 16.28 -29.16 -50.46
C GLN D 16 16.41 -29.20 -48.95
N LEU D 17 17.04 -28.17 -48.36
CA LEU D 17 17.17 -28.11 -46.91
C LEU D 17 15.81 -27.97 -46.24
N ARG D 18 14.88 -27.25 -46.87
CA ARG D 18 13.54 -27.12 -46.30
C ARG D 18 12.83 -28.46 -46.24
N GLN D 19 12.91 -29.24 -47.32
CA GLN D 19 12.30 -30.58 -47.32
C GLN D 19 13.01 -31.51 -46.34
N GLU D 20 14.33 -31.37 -46.21
CA GLU D 20 15.07 -32.16 -45.23
C GLU D 20 14.59 -31.85 -43.81
N ALA D 21 14.41 -30.56 -43.51
CA ALA D 21 13.88 -30.18 -42.20
C ALA D 21 12.47 -30.70 -42.00
N GLU D 22 11.65 -30.67 -43.06
CA GLU D 22 10.28 -31.16 -42.95
C GLU D 22 10.24 -32.65 -42.64
N GLN D 23 11.06 -33.44 -43.34
CA GLN D 23 11.08 -34.87 -43.07
C GLN D 23 11.70 -35.16 -41.70
N LEU D 24 12.66 -34.35 -41.27
CA LEU D 24 13.20 -34.50 -39.92
C LEU D 24 12.14 -34.26 -38.85
N LYS D 25 11.35 -33.21 -39.02
CA LYS D 25 10.25 -32.95 -38.09
C LYS D 25 9.23 -34.07 -38.12
N ASN D 26 8.92 -34.59 -39.32
CA ASN D 26 7.99 -35.70 -39.42
C ASN D 26 8.50 -36.93 -38.69
N GLN D 27 9.79 -37.25 -38.85
CA GLN D 27 10.38 -38.38 -38.14
C GLN D 27 10.34 -38.18 -36.63
N ILE D 28 10.65 -36.97 -36.18
CA ILE D 28 10.64 -36.69 -34.74
C ILE D 28 9.23 -36.85 -34.19
N ARG D 29 8.23 -36.31 -34.90
CA ARG D 29 6.84 -36.44 -34.45
C ARG D 29 6.39 -37.89 -34.46
N ASP D 30 6.79 -38.66 -35.47
CA ASP D 30 6.40 -40.06 -35.54
C ASP D 30 6.99 -40.85 -34.39
N ALA D 31 8.27 -40.65 -34.09
CA ALA D 31 8.88 -41.33 -32.96
C ALA D 31 8.24 -40.90 -31.64
N ARG D 32 7.94 -39.61 -31.51
CA ARG D 32 7.34 -39.10 -30.29
C ARG D 32 5.95 -39.71 -30.06
N LYS D 33 5.16 -39.84 -31.13
CA LYS D 33 3.86 -40.48 -31.01
C LYS D 33 3.99 -41.98 -30.77
N ALA D 34 5.03 -42.60 -31.32
CA ALA D 34 5.24 -44.03 -31.09
C ALA D 34 5.57 -44.32 -29.63
N CYS D 35 6.35 -43.43 -28.99
CA CYS D 35 6.71 -43.64 -27.59
C CYS D 35 5.51 -43.50 -26.65
N ALA D 36 4.44 -42.86 -27.09
CA ALA D 36 3.28 -42.64 -26.24
C ALA D 36 2.35 -43.85 -26.26
N ASP D 37 2.01 -44.35 -25.08
CA ASP D 37 1.09 -45.47 -24.94
C ASP D 37 -0.15 -45.10 -24.12
N ALA D 38 0.03 -44.51 -22.95
CA ALA D 38 -1.08 -44.11 -22.10
C ALA D 38 -0.78 -42.75 -21.50
N THR D 39 -1.80 -41.94 -21.33
CA THR D 39 -1.64 -40.62 -20.72
C THR D 39 -1.38 -40.76 -19.22
N LEU D 40 -0.82 -39.69 -18.65
CA LEU D 40 -0.60 -39.67 -17.21
C LEU D 40 -1.92 -39.76 -16.45
N SER D 41 -2.93 -39.01 -16.91
CA SER D 41 -4.22 -39.00 -16.23
C SER D 41 -4.90 -40.36 -16.24
N GLN D 42 -4.50 -41.26 -17.14
CA GLN D 42 -5.09 -42.60 -17.20
C GLN D 42 -4.32 -43.57 -16.30
N ILE D 43 -2.99 -43.48 -16.29
CA ILE D 43 -2.20 -44.44 -15.52
C ILE D 43 -2.40 -44.23 -14.02
N THR D 44 -2.40 -42.97 -13.57
CA THR D 44 -2.46 -42.64 -12.16
C THR D 44 -3.88 -42.41 -11.66
N ASN D 45 -4.88 -42.95 -12.37
CA ASN D 45 -6.28 -42.71 -12.03
C ASN D 45 -6.70 -43.34 -10.71
N ASN D 46 -5.88 -44.20 -10.12
CA ASN D 46 -6.25 -44.94 -8.93
C ASN D 46 -5.83 -44.28 -7.62
N ILE D 47 -5.17 -43.11 -7.68
CA ILE D 47 -4.74 -42.46 -6.45
C ILE D 47 -5.94 -41.76 -5.80
N ASP D 48 -5.90 -41.67 -4.47
CA ASP D 48 -6.90 -40.89 -3.76
C ASP D 48 -6.65 -39.40 -4.00
N PRO D 49 -7.71 -38.62 -4.24
CA PRO D 49 -7.52 -37.18 -4.41
C PRO D 49 -7.02 -36.52 -3.15
N VAL D 50 -6.27 -35.43 -3.31
CA VAL D 50 -5.66 -34.73 -2.19
C VAL D 50 -6.71 -33.92 -1.45
N GLY D 51 -7.94 -33.94 -1.94
CA GLY D 51 -9.00 -33.21 -1.27
C GLY D 51 -8.90 -31.71 -1.52
N ARG D 52 -9.37 -30.94 -0.55
CA ARG D 52 -9.35 -29.48 -0.61
C ARG D 52 -8.21 -28.96 0.24
N ILE D 53 -7.32 -28.17 -0.37
CA ILE D 53 -6.16 -27.62 0.30
C ILE D 53 -6.44 -26.14 0.55
N GLN D 54 -6.78 -25.81 1.80
CA GLN D 54 -7.10 -24.45 2.20
C GLN D 54 -5.87 -23.79 2.81
N MET D 55 -5.42 -22.70 2.20
CA MET D 55 -4.29 -21.94 2.71
C MET D 55 -4.76 -20.58 3.21
N ARG D 56 -4.25 -20.17 4.36
CA ARG D 56 -4.62 -18.92 5.00
C ARG D 56 -3.43 -17.98 5.02
N THR D 57 -3.69 -16.69 4.76
CA THR D 57 -2.64 -15.68 4.75
C THR D 57 -2.06 -15.52 6.15
N ARG D 58 -0.80 -15.90 6.33
CA ARG D 58 -0.13 -15.78 7.62
C ARG D 58 0.54 -14.43 7.79
N ARG D 59 1.16 -13.91 6.74
CA ARG D 59 1.83 -12.62 6.77
C ARG D 59 1.41 -11.79 5.56
N THR D 60 1.53 -10.46 5.70
CA THR D 60 1.29 -9.54 4.61
C THR D 60 2.41 -8.51 4.64
N LEU D 61 3.30 -8.58 3.66
CA LEU D 61 4.49 -7.74 3.62
C LEU D 61 4.17 -6.45 2.88
N ARG D 62 4.18 -5.33 3.61
CA ARG D 62 3.88 -4.02 3.04
C ARG D 62 5.12 -3.14 3.12
N GLY D 63 5.12 -2.12 2.27
CA GLY D 63 6.25 -1.20 2.19
C GLY D 63 6.54 -0.77 0.77
N HIS D 64 6.19 -1.63 -0.20
CA HIS D 64 6.34 -1.27 -1.60
C HIS D 64 5.28 -0.25 -2.00
N LEU D 65 5.64 0.65 -2.91
CA LEU D 65 4.76 1.73 -3.34
C LEU D 65 4.42 1.65 -4.83
N ALA D 66 4.61 0.49 -5.46
CA ALA D 66 4.37 0.35 -6.88
C ALA D 66 4.26 -1.14 -7.22
N LYS D 67 4.01 -1.43 -8.49
CA LYS D 67 3.82 -2.81 -8.94
C LYS D 67 5.08 -3.63 -8.71
N ILE D 68 4.87 -4.88 -8.29
CA ILE D 68 5.96 -5.83 -8.07
C ILE D 68 5.99 -6.81 -9.22
N TYR D 69 7.16 -6.97 -9.85
CA TYR D 69 7.30 -7.90 -10.97
C TYR D 69 8.00 -9.19 -10.60
N ALA D 70 8.80 -9.22 -9.53
CA ALA D 70 9.59 -10.41 -9.26
C ALA D 70 9.85 -10.52 -7.76
N MET D 71 10.27 -11.72 -7.36
CA MET D 71 10.50 -12.09 -5.98
C MET D 71 11.26 -13.41 -5.96
N HIS D 72 12.13 -13.55 -4.97
CA HIS D 72 12.89 -14.78 -4.82
C HIS D 72 13.08 -15.07 -3.34
N TRP D 73 13.16 -16.37 -3.03
CA TRP D 73 13.29 -16.84 -1.65
C TRP D 73 14.74 -17.16 -1.35
N GLY D 74 15.16 -16.86 -0.12
CA GLY D 74 16.48 -17.26 0.31
C GLY D 74 16.58 -18.76 0.48
N THR D 75 17.82 -19.26 0.42
CA THR D 75 18.04 -20.69 0.61
C THR D 75 17.64 -21.14 2.02
N ASP D 76 17.73 -20.23 3.00
CA ASP D 76 17.35 -20.52 4.36
C ASP D 76 15.85 -20.40 4.59
N SER D 77 15.07 -20.08 3.55
CA SER D 77 13.61 -19.99 3.62
C SER D 77 13.14 -19.01 4.68
N ARG D 78 13.91 -17.95 4.91
CA ARG D 78 13.51 -16.94 5.89
C ARG D 78 13.64 -15.53 5.31
N LEU D 79 14.57 -15.34 4.39
CA LEU D 79 14.84 -14.04 3.80
C LEU D 79 14.29 -13.96 2.39
N LEU D 80 13.69 -12.81 2.06
CA LEU D 80 13.08 -12.58 0.76
C LEU D 80 13.81 -11.47 0.02
N VAL D 81 13.39 -11.23 -1.22
CA VAL D 81 13.87 -10.13 -2.03
C VAL D 81 12.79 -9.80 -3.04
N SER D 82 12.58 -8.50 -3.31
CA SER D 82 11.54 -8.08 -4.22
C SER D 82 11.89 -6.74 -4.85
N ALA D 83 11.66 -6.62 -6.16
CA ALA D 83 11.86 -5.39 -6.90
C ALA D 83 10.52 -4.88 -7.42
N SER D 84 10.37 -3.56 -7.43
CA SER D 84 9.12 -2.93 -7.85
C SER D 84 9.45 -1.71 -8.71
N GLN D 85 8.40 -1.03 -9.17
CA GLN D 85 8.56 0.11 -10.06
C GLN D 85 9.16 1.34 -9.38
N ASP D 86 9.13 1.36 -8.03
CA ASP D 86 9.61 2.51 -7.24
C ASP D 86 11.11 2.61 -7.25
N GLY D 87 11.79 1.68 -7.88
CA GLY D 87 13.23 1.66 -7.87
C GLY D 87 13.86 1.09 -6.61
N LYS D 88 13.08 0.46 -5.76
CA LYS D 88 13.58 -0.07 -4.49
C LYS D 88 13.70 -1.58 -4.57
N LEU D 89 14.79 -2.10 -4.00
CA LEU D 89 15.01 -3.54 -3.87
C LEU D 89 15.05 -3.84 -2.37
N ILE D 90 13.98 -4.46 -1.87
CA ILE D 90 13.79 -4.65 -0.43
C ILE D 90 14.04 -6.12 -0.10
N ILE D 91 14.83 -6.35 0.95
CA ILE D 91 15.07 -7.69 1.47
C ILE D 91 14.30 -7.82 2.78
N TRP D 92 13.38 -8.78 2.82
CA TRP D 92 12.49 -8.95 3.96
C TRP D 92 12.99 -10.06 4.88
N ASP D 93 12.53 -10.00 6.12
CA ASP D 93 12.63 -11.11 7.06
C ASP D 93 11.24 -11.74 7.14
N SER D 94 11.08 -12.90 6.51
CA SER D 94 9.74 -13.46 6.30
C SER D 94 9.09 -13.94 7.59
N TYR D 95 9.82 -14.04 8.70
CA TYR D 95 9.25 -14.49 9.95
C TYR D 95 8.63 -13.33 10.73
N THR D 96 9.44 -12.33 11.07
CA THR D 96 9.00 -11.21 11.88
C THR D 96 8.57 -10.00 11.05
N THR D 97 8.61 -10.10 9.72
CA THR D 97 8.20 -9.02 8.82
C THR D 97 9.01 -7.75 9.13
N ASN D 98 10.31 -7.87 8.84
CA ASN D 98 11.25 -6.77 9.01
C ASN D 98 12.01 -6.56 7.71
N LYS D 99 12.34 -5.30 7.43
CA LYS D 99 13.08 -4.94 6.23
C LYS D 99 14.57 -4.93 6.57
N VAL D 100 15.27 -5.99 6.15
CA VAL D 100 16.69 -6.09 6.44
C VAL D 100 17.48 -5.07 5.64
N HIS D 101 17.17 -4.94 4.35
CA HIS D 101 17.90 -4.06 3.46
C HIS D 101 16.92 -3.31 2.56
N ALA D 102 17.37 -2.17 2.05
CA ALA D 102 16.63 -1.39 1.06
C ALA D 102 17.63 -0.84 0.06
N ILE D 103 17.70 -1.46 -1.11
CA ILE D 103 18.70 -1.15 -2.12
C ILE D 103 18.06 -0.30 -3.20
N PRO D 104 18.55 0.91 -3.48
CA PRO D 104 17.95 1.73 -4.53
C PRO D 104 18.55 1.48 -5.92
N LEU D 105 17.68 1.13 -6.87
CA LEU D 105 18.12 0.82 -8.22
C LEU D 105 18.38 2.10 -9.02
N ARG D 106 19.28 2.00 -9.99
CA ARG D 106 19.54 3.13 -10.88
C ARG D 106 18.36 3.36 -11.82
N SER D 107 17.75 2.30 -12.31
CA SER D 107 16.62 2.38 -13.23
C SER D 107 15.39 1.80 -12.56
N SER D 108 14.28 2.57 -12.59
CA SER D 108 13.05 2.13 -11.95
C SER D 108 12.36 0.99 -12.68
N TRP D 109 12.79 0.66 -13.90
CA TRP D 109 12.15 -0.37 -14.72
C TRP D 109 12.92 -1.67 -14.52
N VAL D 110 12.45 -2.49 -13.59
CA VAL D 110 13.09 -3.76 -13.24
C VAL D 110 12.04 -4.86 -13.27
N MET D 111 12.38 -5.99 -13.89
CA MET D 111 11.44 -7.08 -14.07
C MET D 111 11.88 -8.41 -13.45
N THR D 112 13.09 -8.52 -12.93
CA THR D 112 13.54 -9.83 -12.46
C THR D 112 14.54 -9.79 -11.29
N CYS D 113 14.05 -10.03 -10.09
CA CYS D 113 14.92 -10.32 -8.94
C CYS D 113 15.60 -11.68 -9.10
N ALA D 114 16.68 -11.85 -8.34
CA ALA D 114 17.34 -13.14 -8.18
C ALA D 114 18.12 -13.10 -6.86
N TYR D 115 18.08 -14.20 -6.11
CA TYR D 115 18.78 -14.29 -4.85
C TYR D 115 19.85 -15.38 -4.96
N ALA D 116 21.06 -15.07 -4.49
CA ALA D 116 22.14 -16.03 -4.58
C ALA D 116 21.87 -17.21 -3.65
N PRO D 117 22.33 -18.42 -4.03
CA PRO D 117 22.14 -19.57 -3.13
C PRO D 117 22.84 -19.42 -1.80
N SER D 118 23.98 -18.73 -1.75
CA SER D 118 24.72 -18.56 -0.52
C SER D 118 24.27 -17.35 0.29
N GLY D 119 23.39 -16.51 -0.26
CA GLY D 119 22.91 -15.35 0.44
C GLY D 119 23.85 -14.17 0.45
N ASN D 120 24.99 -14.25 -0.24
CA ASN D 120 25.94 -13.14 -0.24
C ASN D 120 25.54 -12.05 -1.23
N TYR D 121 25.09 -12.43 -2.42
CA TYR D 121 24.77 -11.49 -3.47
C TYR D 121 23.27 -11.53 -3.78
N VAL D 122 22.82 -10.49 -4.47
CA VAL D 122 21.47 -10.44 -5.02
C VAL D 122 21.50 -9.65 -6.32
N ALA D 123 21.16 -10.30 -7.43
CA ALA D 123 21.16 -9.62 -8.72
C ALA D 123 19.77 -9.10 -9.03
N CYS D 124 19.73 -7.99 -9.75
CA CYS D 124 18.45 -7.35 -10.04
C CYS D 124 18.51 -6.50 -11.30
N GLY D 125 18.04 -7.04 -12.42
CA GLY D 125 18.09 -6.35 -13.69
C GLY D 125 16.71 -6.21 -14.31
N GLY D 126 16.64 -5.50 -15.43
CA GLY D 126 15.36 -5.28 -16.07
C GLY D 126 15.41 -4.58 -17.41
N LEU D 127 14.46 -3.67 -17.64
CA LEU D 127 14.31 -3.02 -18.93
C LEU D 127 15.55 -2.23 -19.35
N ASP D 128 16.38 -1.83 -18.40
CA ASP D 128 17.54 -1.00 -18.69
C ASP D 128 18.73 -1.79 -19.26
N ASN D 129 18.50 -3.05 -19.63
CA ASN D 129 19.36 -3.89 -20.47
C ASN D 129 20.58 -4.50 -19.77
N ILE D 130 20.83 -4.21 -18.48
CA ILE D 130 21.98 -4.78 -17.81
C ILE D 130 21.53 -5.44 -16.52
N CYS D 131 22.28 -6.47 -16.11
CA CYS D 131 21.99 -7.23 -14.89
C CYS D 131 22.88 -6.72 -13.77
N SER D 132 22.35 -5.79 -12.97
CA SER D 132 23.10 -5.27 -11.84
C SER D 132 23.19 -6.32 -10.74
N ILE D 133 24.39 -6.49 -10.18
CA ILE D 133 24.64 -7.47 -9.14
C ILE D 133 25.09 -6.73 -7.89
N TYR D 134 24.42 -7.00 -6.77
CA TYR D 134 24.65 -6.28 -5.52
C TYR D 134 25.29 -7.19 -4.50
N ASN D 135 26.19 -6.62 -3.69
CA ASN D 135 26.90 -7.35 -2.65
C ASN D 135 26.32 -6.97 -1.31
N LEU D 136 25.87 -7.97 -0.54
CA LEU D 136 25.20 -7.72 0.73
C LEU D 136 26.17 -7.71 1.91
N LYS D 137 27.16 -8.61 1.90
CA LYS D 137 28.11 -8.73 3.01
C LYS D 137 29.36 -7.93 2.67
N THR D 138 29.30 -6.64 2.98
CA THR D 138 30.42 -5.73 2.78
C THR D 138 30.99 -5.29 4.12
N ARG D 139 32.26 -4.89 4.10
CA ARG D 139 32.92 -4.40 5.30
C ARG D 139 32.49 -2.98 5.65
N GLU D 140 32.01 -2.21 4.68
CA GLU D 140 31.58 -0.85 4.93
C GLU D 140 30.16 -0.76 5.49
N GLY D 141 29.42 -1.86 5.54
CA GLY D 141 28.10 -1.87 6.10
C GLY D 141 26.97 -1.51 5.16
N ASN D 142 27.30 -1.12 3.93
CA ASN D 142 26.28 -0.79 2.93
C ASN D 142 26.33 -1.81 1.79
N VAL D 143 25.33 -1.72 0.92
CA VAL D 143 25.20 -2.63 -0.22
C VAL D 143 25.69 -1.89 -1.46
N ARG D 144 26.70 -2.46 -2.12
CA ARG D 144 27.31 -1.85 -3.29
C ARG D 144 27.10 -2.73 -4.51
N VAL D 145 27.00 -2.09 -5.67
CA VAL D 145 26.90 -2.81 -6.94
C VAL D 145 28.27 -3.38 -7.27
N SER D 146 28.45 -4.67 -7.06
CA SER D 146 29.75 -5.30 -7.33
C SER D 146 30.07 -5.27 -8.81
N ARG D 147 29.10 -5.63 -9.65
CA ARG D 147 29.31 -5.67 -11.10
C ARG D 147 28.04 -5.23 -11.80
N GLU D 148 28.20 -4.78 -13.05
CA GLU D 148 27.09 -4.48 -13.93
C GLU D 148 27.37 -5.16 -15.27
N LEU D 149 26.59 -6.19 -15.59
CA LEU D 149 26.85 -7.02 -16.76
C LEU D 149 26.06 -6.50 -17.95
N ALA D 150 26.78 -6.21 -19.04
CA ALA D 150 26.18 -5.64 -20.24
C ALA D 150 26.53 -6.50 -21.44
N GLY D 151 25.71 -6.38 -22.48
CA GLY D 151 25.91 -7.15 -23.70
C GLY D 151 24.63 -7.63 -24.34
N HIS D 152 23.50 -7.34 -23.69
CA HIS D 152 22.19 -7.72 -24.20
C HIS D 152 21.54 -6.53 -24.90
N THR D 153 20.83 -6.81 -25.99
CA THR D 153 20.15 -5.78 -26.76
C THR D 153 18.65 -5.71 -26.48
N GLY D 154 18.18 -6.46 -25.47
CA GLY D 154 16.76 -6.46 -25.14
C GLY D 154 16.56 -6.57 -23.65
N TYR D 155 15.31 -6.35 -23.24
CA TYR D 155 14.96 -6.37 -21.83
C TYR D 155 15.30 -7.72 -21.21
N LEU D 156 15.73 -7.69 -19.96
CA LEU D 156 16.20 -8.87 -19.26
C LEU D 156 15.07 -9.50 -18.45
N SER D 157 15.16 -10.82 -18.26
CA SER D 157 14.13 -11.54 -17.52
C SER D 157 14.74 -12.80 -16.92
N CYS D 158 14.30 -13.13 -15.69
CA CYS D 158 14.65 -14.37 -15.00
C CYS D 158 16.16 -14.56 -14.88
N CYS D 159 16.77 -13.64 -14.13
CA CYS D 159 18.13 -13.86 -13.65
C CYS D 159 18.15 -15.06 -12.70
N ARG D 160 19.20 -15.87 -12.80
CA ARG D 160 19.35 -17.01 -11.92
C ARG D 160 20.82 -17.22 -11.57
N PHE D 161 21.08 -17.46 -10.30
CA PHE D 161 22.44 -17.63 -9.81
C PHE D 161 22.82 -19.11 -9.83
N LEU D 162 23.90 -19.45 -10.53
CA LEU D 162 24.45 -20.80 -10.44
C LEU D 162 25.33 -20.94 -9.20
N ASP D 163 26.18 -19.95 -8.95
CA ASP D 163 27.08 -19.93 -7.80
C ASP D 163 27.29 -18.46 -7.45
N ASP D 164 28.29 -18.17 -6.63
CA ASP D 164 28.58 -16.78 -6.29
C ASP D 164 29.32 -16.03 -7.39
N ASN D 165 29.76 -16.72 -8.44
CA ASN D 165 30.45 -16.06 -9.56
C ASN D 165 29.99 -16.61 -10.90
N GLN D 166 28.75 -17.09 -10.98
CA GLN D 166 28.20 -17.62 -12.23
C GLN D 166 26.70 -17.39 -12.23
N ILE D 167 26.21 -16.69 -13.24
CA ILE D 167 24.80 -16.28 -13.31
C ILE D 167 24.29 -16.49 -14.73
N VAL D 168 23.06 -16.95 -14.85
CA VAL D 168 22.39 -17.17 -16.12
C VAL D 168 21.31 -16.13 -16.29
N THR D 169 21.23 -15.55 -17.50
CA THR D 169 20.25 -14.50 -17.78
C THR D 169 19.47 -14.85 -19.04
N SER D 170 18.28 -14.26 -19.14
CA SER D 170 17.42 -14.40 -20.31
C SER D 170 16.98 -13.01 -20.77
N SER D 171 16.86 -12.83 -22.08
CA SER D 171 16.60 -11.52 -22.64
C SER D 171 15.53 -11.61 -23.73
N GLY D 172 15.09 -10.44 -24.18
CA GLY D 172 14.23 -10.31 -25.34
C GLY D 172 14.95 -10.38 -26.66
N ASP D 173 16.27 -10.58 -26.63
CA ASP D 173 17.09 -10.75 -27.82
C ASP D 173 17.02 -12.18 -28.37
N THR D 174 16.02 -12.95 -27.96
CA THR D 174 15.84 -14.33 -28.40
C THR D 174 17.07 -15.18 -28.08
N THR D 175 17.70 -14.92 -26.94
CA THR D 175 18.88 -15.67 -26.53
C THR D 175 19.02 -15.62 -25.02
N CYS D 176 19.66 -16.66 -24.48
CA CYS D 176 20.04 -16.73 -23.08
C CYS D 176 21.56 -16.76 -22.97
N ALA D 177 22.09 -16.21 -21.89
CA ALA D 177 23.52 -16.05 -21.73
C ALA D 177 23.96 -16.55 -20.36
N LEU D 178 25.16 -17.11 -20.31
CA LEU D 178 25.82 -17.50 -19.06
C LEU D 178 27.00 -16.58 -18.85
N TRP D 179 27.04 -15.94 -17.68
CA TRP D 179 28.03 -14.91 -17.39
C TRP D 179 29.07 -15.42 -16.42
N ASP D 180 30.12 -14.61 -16.26
CA ASP D 180 31.13 -14.80 -15.22
C ASP D 180 31.24 -13.47 -14.49
N ILE D 181 30.78 -13.44 -13.24
CA ILE D 181 30.72 -12.18 -12.50
C ILE D 181 32.11 -11.61 -12.26
N GLU D 182 33.11 -12.47 -12.05
CA GLU D 182 34.47 -11.99 -11.80
C GLU D 182 34.99 -11.20 -13.00
N THR D 183 35.08 -11.84 -14.17
CA THR D 183 35.56 -11.14 -15.36
C THR D 183 34.53 -10.13 -15.85
N GLY D 184 33.26 -10.49 -15.83
CA GLY D 184 32.20 -9.64 -16.35
C GLY D 184 31.86 -9.86 -17.81
N GLN D 185 32.42 -10.88 -18.44
CA GLN D 185 32.22 -11.14 -19.86
C GLN D 185 31.22 -12.27 -20.06
N GLN D 186 30.56 -12.25 -21.22
CA GLN D 186 29.60 -13.27 -21.60
C GLN D 186 30.35 -14.55 -21.93
N THR D 187 30.40 -15.48 -20.97
CA THR D 187 31.18 -16.71 -21.16
C THR D 187 30.58 -17.58 -22.26
N THR D 188 29.28 -17.84 -22.20
CA THR D 188 28.60 -18.66 -23.17
C THR D 188 27.28 -18.01 -23.55
N THR D 189 26.87 -18.20 -24.81
CA THR D 189 25.61 -17.66 -25.31
C THR D 189 24.80 -18.80 -25.92
N PHE D 190 23.53 -18.89 -25.53
CA PHE D 190 22.63 -19.91 -26.03
C PHE D 190 21.65 -19.26 -27.00
N THR D 191 21.60 -19.77 -28.22
CA THR D 191 20.72 -19.25 -29.26
C THR D 191 19.93 -20.39 -29.88
N GLY D 192 18.84 -20.03 -30.54
CA GLY D 192 17.97 -21.01 -31.15
C GLY D 192 16.50 -20.63 -31.07
N HIS D 193 16.17 -19.75 -30.15
CA HIS D 193 14.80 -19.26 -30.05
C HIS D 193 14.50 -18.30 -31.19
N THR D 194 13.22 -18.22 -31.56
CA THR D 194 12.76 -17.28 -32.58
C THR D 194 11.81 -16.24 -31.99
N GLY D 195 11.91 -15.98 -30.69
CA GLY D 195 11.07 -14.98 -30.04
C GLY D 195 11.68 -14.60 -28.71
N ASP D 196 11.08 -13.57 -28.10
CA ASP D 196 11.57 -13.08 -26.82
C ASP D 196 11.51 -14.18 -25.77
N VAL D 197 12.61 -14.39 -25.06
CA VAL D 197 12.70 -15.41 -24.03
C VAL D 197 12.27 -14.78 -22.70
N MET D 198 11.20 -15.31 -22.11
CA MET D 198 10.56 -14.66 -20.98
C MET D 198 10.94 -15.24 -19.63
N SER D 199 11.24 -16.53 -19.54
CA SER D 199 11.51 -17.12 -18.23
C SER D 199 12.38 -18.35 -18.38
N LEU D 200 13.14 -18.63 -17.32
CA LEU D 200 13.97 -19.83 -17.25
C LEU D 200 14.01 -20.31 -15.81
N SER D 201 14.35 -21.59 -15.64
CA SER D 201 14.53 -22.18 -14.32
C SER D 201 15.71 -23.14 -14.37
N LEU D 202 16.51 -23.12 -13.31
CA LEU D 202 17.70 -23.95 -13.24
C LEU D 202 17.38 -25.28 -12.60
N ALA D 203 17.91 -26.35 -13.17
CA ALA D 203 17.64 -27.69 -12.65
C ALA D 203 18.30 -27.85 -11.27
N PRO D 204 17.69 -28.67 -10.40
CA PRO D 204 18.34 -28.94 -9.10
C PRO D 204 19.72 -29.55 -9.23
N ASP D 205 19.96 -30.37 -10.26
CA ASP D 205 21.28 -30.89 -10.52
C ASP D 205 22.26 -29.78 -10.91
N THR D 206 21.75 -28.64 -11.37
CA THR D 206 22.55 -27.44 -11.67
C THR D 206 23.54 -27.71 -12.80
N ARG D 207 23.06 -28.40 -13.84
CA ARG D 207 23.80 -28.56 -15.08
C ARG D 207 22.95 -28.37 -16.32
N LEU D 208 21.63 -28.23 -16.17
CA LEU D 208 20.73 -28.02 -17.29
C LEU D 208 19.72 -26.95 -16.89
N PHE D 209 19.16 -26.27 -17.88
CA PHE D 209 18.08 -25.33 -17.61
C PHE D 209 17.20 -25.19 -18.85
N VAL D 210 15.94 -24.84 -18.62
CA VAL D 210 14.93 -24.71 -19.66
C VAL D 210 14.46 -23.28 -19.72
N SER D 211 14.25 -22.77 -20.93
CA SER D 211 13.82 -21.39 -21.14
C SER D 211 12.51 -21.37 -21.92
N GLY D 212 11.59 -20.51 -21.49
CA GLY D 212 10.33 -20.37 -22.16
C GLY D 212 10.24 -19.08 -22.95
N ALA D 213 10.12 -19.19 -24.27
CA ALA D 213 10.16 -18.04 -25.15
C ALA D 213 8.77 -17.65 -25.61
N CYS D 214 8.71 -16.64 -26.46
CA CYS D 214 7.45 -16.11 -26.98
C CYS D 214 6.96 -16.83 -28.22
N ASP D 215 7.69 -17.85 -28.69
CA ASP D 215 7.30 -18.62 -29.86
C ASP D 215 6.52 -19.87 -29.50
N ALA D 216 5.94 -19.92 -28.30
CA ALA D 216 5.16 -21.06 -27.83
C ALA D 216 5.98 -22.34 -27.83
N SER D 217 7.23 -22.25 -27.36
CA SER D 217 8.10 -23.40 -27.30
C SER D 217 9.14 -23.19 -26.21
N ALA D 218 9.38 -24.23 -25.41
CA ALA D 218 10.40 -24.22 -24.37
C ALA D 218 11.40 -25.32 -24.68
N LYS D 219 12.69 -24.98 -24.63
CA LYS D 219 13.73 -25.92 -25.03
C LYS D 219 14.77 -26.03 -23.91
N LEU D 220 15.24 -27.26 -23.71
CA LEU D 220 16.20 -27.55 -22.65
C LEU D 220 17.61 -27.23 -23.13
N TRP D 221 18.39 -26.60 -22.25
CA TRP D 221 19.75 -26.18 -22.55
C TRP D 221 20.74 -26.92 -21.67
N ASP D 222 22.00 -26.93 -22.10
CA ASP D 222 23.11 -27.41 -21.28
C ASP D 222 24.04 -26.24 -20.99
N VAL D 223 24.34 -26.04 -19.70
CA VAL D 223 25.15 -24.89 -19.32
C VAL D 223 26.62 -25.11 -19.67
N ARG D 224 27.06 -26.37 -19.73
CA ARG D 224 28.49 -26.65 -19.95
C ARG D 224 28.86 -26.56 -21.42
N GLU D 225 28.03 -27.13 -22.31
CA GLU D 225 28.34 -27.18 -23.72
C GLU D 225 27.66 -26.08 -24.53
N GLY D 226 26.61 -25.46 -24.00
CA GLY D 226 25.88 -24.46 -24.76
C GLY D 226 25.13 -25.03 -25.94
N MET D 227 24.47 -26.17 -25.78
CA MET D 227 23.76 -26.84 -26.85
C MET D 227 22.30 -27.02 -26.46
N CYS D 228 21.42 -26.94 -27.45
CA CYS D 228 19.99 -27.17 -27.25
C CYS D 228 19.74 -28.67 -27.33
N ARG D 229 19.72 -29.33 -26.17
CA ARG D 229 19.52 -30.77 -26.14
C ARG D 229 18.13 -31.16 -26.65
N GLN D 230 17.10 -30.42 -26.24
CA GLN D 230 15.73 -30.79 -26.53
C GLN D 230 14.92 -29.53 -26.78
N THR D 231 13.76 -29.71 -27.42
CA THR D 231 12.78 -28.64 -27.57
C THR D 231 11.39 -29.22 -27.37
N PHE D 232 10.48 -28.40 -26.86
CA PHE D 232 9.13 -28.83 -26.53
C PHE D 232 8.12 -27.85 -27.12
N THR D 233 7.06 -28.39 -27.70
CA THR D 233 6.00 -27.60 -28.31
C THR D 233 4.65 -28.07 -27.79
N GLY D 234 3.61 -27.30 -28.11
CA GLY D 234 2.27 -27.63 -27.69
C GLY D 234 1.45 -26.44 -27.24
N HIS D 235 2.12 -25.43 -26.70
CA HIS D 235 1.42 -24.23 -26.25
C HIS D 235 0.92 -23.43 -27.45
N GLU D 236 -0.22 -22.76 -27.26
CA GLU D 236 -0.82 -21.97 -28.32
C GLU D 236 -0.42 -20.50 -28.29
N SER D 237 0.30 -20.06 -27.26
CA SER D 237 0.70 -18.66 -27.15
C SER D 237 2.05 -18.59 -26.47
N ASP D 238 2.47 -17.36 -26.15
CA ASP D 238 3.80 -17.14 -25.58
C ASP D 238 3.87 -17.68 -24.16
N ILE D 239 4.92 -18.46 -23.89
CA ILE D 239 5.14 -19.02 -22.57
C ILE D 239 5.63 -17.92 -21.64
N ASN D 240 5.02 -17.84 -20.45
CA ASN D 240 5.27 -16.74 -19.53
C ASN D 240 6.08 -17.12 -18.30
N ALA D 241 6.09 -18.39 -17.91
CA ALA D 241 6.85 -18.82 -16.75
C ALA D 241 7.13 -20.31 -16.84
N ILE D 242 8.16 -20.74 -16.11
CA ILE D 242 8.58 -22.14 -16.10
C ILE D 242 9.14 -22.47 -14.73
N CYS D 243 8.86 -23.69 -14.26
CA CYS D 243 9.45 -24.21 -13.03
C CYS D 243 9.75 -25.69 -13.21
N PHE D 244 10.88 -26.12 -12.66
CA PHE D 244 11.29 -27.53 -12.73
C PHE D 244 10.53 -28.37 -11.70
N PHE D 245 10.38 -29.66 -12.02
CA PHE D 245 9.91 -30.61 -11.05
C PHE D 245 11.00 -30.86 -10.01
N PRO D 246 10.63 -31.18 -8.76
CA PRO D 246 11.65 -31.27 -7.70
C PRO D 246 12.79 -32.23 -7.99
N ASN D 247 12.53 -33.36 -8.64
CA ASN D 247 13.59 -34.34 -8.87
C ASN D 247 14.36 -34.08 -10.16
N GLY D 248 14.10 -32.95 -10.82
CA GLY D 248 14.83 -32.59 -12.02
C GLY D 248 14.59 -33.50 -13.20
N ASN D 249 13.34 -33.89 -13.44
CA ASN D 249 13.02 -34.72 -14.59
C ASN D 249 11.75 -34.26 -15.31
N ALA D 250 11.18 -33.13 -14.91
CA ALA D 250 10.01 -32.58 -15.58
C ALA D 250 9.95 -31.09 -15.26
N PHE D 251 9.16 -30.36 -16.05
CA PHE D 251 8.96 -28.94 -15.80
C PHE D 251 7.57 -28.53 -16.28
N ALA D 252 7.03 -27.52 -15.61
CA ALA D 252 5.69 -27.02 -15.91
C ALA D 252 5.80 -25.62 -16.49
N THR D 253 5.06 -25.38 -17.57
CA THR D 253 5.09 -24.11 -18.27
C THR D 253 3.74 -23.42 -18.16
N GLY D 254 3.76 -22.09 -18.19
CA GLY D 254 2.55 -21.30 -18.17
C GLY D 254 2.54 -20.25 -19.25
N SER D 255 1.48 -20.19 -20.04
CA SER D 255 1.39 -19.28 -21.17
C SER D 255 0.16 -18.38 -21.03
N ASP D 256 0.00 -17.47 -21.98
CA ASP D 256 -1.19 -16.64 -22.06
C ASP D 256 -2.39 -17.38 -22.60
N ASP D 257 -2.21 -18.63 -23.05
CA ASP D 257 -3.30 -19.49 -23.48
C ASP D 257 -4.16 -19.97 -22.33
N ALA D 258 -3.90 -19.48 -21.10
CA ALA D 258 -4.66 -19.87 -19.91
C ALA D 258 -4.53 -21.36 -19.60
N THR D 259 -3.41 -21.96 -20.00
CA THR D 259 -3.17 -23.38 -19.78
C THR D 259 -1.78 -23.59 -19.19
N CYS D 260 -1.66 -24.62 -18.37
CA CYS D 260 -0.38 -25.10 -17.88
C CYS D 260 -0.17 -26.53 -18.36
N ARG D 261 1.08 -26.87 -18.64
CA ARG D 261 1.41 -28.17 -19.18
C ARG D 261 2.62 -28.73 -18.42
N LEU D 262 2.71 -30.05 -18.41
CA LEU D 262 3.79 -30.76 -17.74
C LEU D 262 4.57 -31.56 -18.78
N PHE D 263 5.79 -31.12 -19.09
CA PHE D 263 6.65 -31.79 -20.04
C PHE D 263 7.69 -32.61 -19.28
N ASP D 264 8.04 -33.76 -19.84
CA ASP D 264 9.00 -34.65 -19.20
C ASP D 264 10.23 -34.76 -20.10
N LEU D 265 11.40 -34.60 -19.49
CA LEU D 265 12.65 -34.59 -20.27
C LEU D 265 12.96 -35.95 -20.87
N ARG D 266 12.65 -37.03 -20.16
CA ARG D 266 12.98 -38.37 -20.67
C ARG D 266 12.01 -38.80 -21.78
N ALA D 267 10.73 -38.44 -21.67
CA ALA D 267 9.74 -38.85 -22.64
C ALA D 267 9.59 -37.87 -23.79
N ASP D 268 10.03 -36.62 -23.62
CA ASP D 268 10.02 -35.57 -24.64
C ASP D 268 8.61 -35.16 -25.06
N GLN D 269 7.60 -35.48 -24.25
CA GLN D 269 6.22 -35.15 -24.57
C GLN D 269 5.56 -34.50 -23.36
N GLU D 270 4.54 -33.70 -23.63
CA GLU D 270 3.67 -33.23 -22.56
C GLU D 270 2.94 -34.41 -21.94
N LEU D 271 2.79 -34.39 -20.63
CA LEU D 271 2.13 -35.49 -19.92
C LEU D 271 0.68 -35.22 -19.63
N MET D 272 0.33 -34.00 -19.23
CA MET D 272 -1.06 -33.64 -19.01
C MET D 272 -1.19 -32.13 -19.06
N THR D 273 -2.42 -31.66 -19.21
CA THR D 273 -2.73 -30.24 -19.30
C THR D 273 -3.56 -29.82 -18.10
N TYR D 274 -3.42 -28.55 -17.72
CA TYR D 274 -4.07 -28.05 -16.52
C TYR D 274 -5.04 -26.93 -16.86
N SER D 275 -5.85 -27.14 -17.89
CA SER D 275 -6.81 -26.13 -18.33
C SER D 275 -8.16 -26.33 -17.66
N HIS D 276 -8.81 -25.22 -17.33
CA HIS D 276 -10.16 -25.22 -16.78
C HIS D 276 -11.04 -24.33 -17.63
N ASP D 277 -12.30 -24.72 -17.79
CA ASP D 277 -13.20 -24.01 -18.70
C ASP D 277 -13.47 -22.59 -18.23
N ASN D 278 -13.43 -22.34 -16.92
CA ASN D 278 -13.70 -21.01 -16.38
C ASN D 278 -12.50 -20.08 -16.47
N ILE D 279 -11.34 -20.59 -16.86
CA ILE D 279 -10.12 -19.79 -16.94
C ILE D 279 -10.04 -19.12 -18.30
N ILE D 280 -9.87 -17.80 -18.31
CA ILE D 280 -9.77 -17.02 -19.53
C ILE D 280 -8.40 -16.39 -19.69
N CYS D 281 -7.86 -15.80 -18.62
CA CYS D 281 -6.58 -15.12 -18.68
C CYS D 281 -5.43 -16.11 -18.49
N GLY D 282 -4.25 -15.71 -18.97
CA GLY D 282 -3.10 -16.59 -18.95
C GLY D 282 -2.44 -16.69 -17.59
N ILE D 283 -1.37 -17.48 -17.56
CA ILE D 283 -0.61 -17.74 -16.35
C ILE D 283 0.62 -16.84 -16.34
N THR D 284 0.85 -16.16 -15.21
CA THR D 284 1.99 -15.28 -15.08
C THR D 284 3.19 -15.97 -14.45
N SER D 285 2.97 -16.79 -13.43
CA SER D 285 4.05 -17.47 -12.74
C SER D 285 3.64 -18.89 -12.39
N VAL D 286 4.61 -19.80 -12.41
CA VAL D 286 4.38 -21.22 -12.16
C VAL D 286 5.39 -21.70 -11.13
N SER D 287 4.91 -22.45 -10.15
CA SER D 287 5.78 -23.02 -9.13
C SER D 287 5.22 -24.37 -8.68
N PHE D 288 6.10 -25.19 -8.12
CA PHE D 288 5.75 -26.52 -7.62
C PHE D 288 5.80 -26.53 -6.10
N SER D 289 5.46 -27.68 -5.52
CA SER D 289 5.64 -27.93 -4.11
C SER D 289 6.87 -28.81 -3.90
N LYS D 290 7.27 -28.95 -2.64
CA LYS D 290 8.48 -29.71 -2.33
C LYS D 290 8.35 -31.17 -2.77
N SER D 291 7.19 -31.77 -2.52
CA SER D 291 6.97 -33.14 -2.99
C SER D 291 6.80 -33.19 -4.51
N GLY D 292 6.21 -32.16 -5.10
CA GLY D 292 5.88 -32.18 -6.50
C GLY D 292 4.46 -32.59 -6.80
N ARG D 293 3.53 -32.30 -5.89
CA ARG D 293 2.12 -32.67 -6.06
C ARG D 293 1.23 -31.47 -6.34
N LEU D 294 1.52 -30.31 -5.77
CA LEU D 294 0.75 -29.10 -6.01
C LEU D 294 1.49 -28.23 -7.01
N LEU D 295 0.84 -27.91 -8.11
CA LEU D 295 1.39 -27.02 -9.14
C LEU D 295 0.66 -25.70 -9.01
N LEU D 296 1.25 -24.77 -8.26
CA LEU D 296 0.65 -23.46 -8.05
C LEU D 296 0.93 -22.58 -9.25
N ALA D 297 -0.11 -21.89 -9.74
CA ALA D 297 0.02 -21.02 -10.90
C ALA D 297 -0.72 -19.72 -10.64
N GLY D 298 -0.13 -18.61 -11.05
CA GLY D 298 -0.72 -17.30 -10.88
C GLY D 298 -1.30 -16.80 -12.20
N TYR D 299 -2.52 -16.28 -12.13
CA TYR D 299 -3.26 -15.81 -13.29
C TYR D 299 -3.38 -14.29 -13.25
N ASP D 300 -3.99 -13.75 -14.30
CA ASP D 300 -4.25 -12.31 -14.39
C ASP D 300 -5.58 -11.92 -13.76
N ASP D 301 -6.40 -12.89 -13.33
CA ASP D 301 -7.67 -12.61 -12.67
C ASP D 301 -7.53 -12.47 -11.16
N PHE D 302 -6.33 -12.09 -10.69
CA PHE D 302 -6.02 -11.63 -9.34
C PHE D 302 -5.90 -12.77 -8.33
N ASN D 303 -6.05 -14.03 -8.73
CA ASN D 303 -5.97 -15.14 -7.79
C ASN D 303 -5.08 -16.24 -8.35
N CYS D 304 -4.66 -17.14 -7.45
CA CYS D 304 -3.84 -18.29 -7.81
C CYS D 304 -4.63 -19.57 -7.56
N ASN D 305 -4.50 -20.53 -8.46
CA ASN D 305 -5.19 -21.81 -8.35
C ASN D 305 -4.16 -22.92 -8.15
N VAL D 306 -4.39 -23.75 -7.13
CA VAL D 306 -3.48 -24.84 -6.80
C VAL D 306 -3.94 -26.07 -7.56
N TRP D 307 -3.12 -26.54 -8.50
CA TRP D 307 -3.44 -27.69 -9.34
C TRP D 307 -2.74 -28.92 -8.81
N ASP D 308 -3.51 -29.96 -8.51
CA ASP D 308 -2.92 -31.25 -8.15
C ASP D 308 -2.21 -31.81 -9.36
N ALA D 309 -0.88 -31.85 -9.31
CA ALA D 309 -0.06 -32.10 -10.49
C ALA D 309 -0.18 -33.51 -11.05
N LEU D 310 -1.05 -34.36 -10.50
CA LEU D 310 -1.20 -35.72 -10.99
C LEU D 310 -2.59 -36.04 -11.54
N LYS D 311 -3.61 -35.25 -11.21
CA LYS D 311 -4.95 -35.50 -11.72
C LYS D 311 -5.58 -34.26 -12.35
N ALA D 312 -4.89 -33.12 -12.36
CA ALA D 312 -5.37 -31.90 -13.01
C ALA D 312 -6.72 -31.44 -12.43
N ASP D 313 -6.85 -31.49 -11.12
CA ASP D 313 -8.02 -30.96 -10.41
C ASP D 313 -7.59 -29.80 -9.53
N ARG D 314 -8.37 -28.72 -9.56
CA ARG D 314 -8.09 -27.56 -8.73
C ARG D 314 -8.30 -27.93 -7.26
N ALA D 315 -7.22 -28.10 -6.52
CA ALA D 315 -7.30 -28.43 -5.10
C ALA D 315 -7.25 -27.18 -4.22
N GLY D 316 -8.11 -26.22 -4.52
CA GLY D 316 -8.21 -25.00 -3.74
C GLY D 316 -7.83 -23.78 -4.56
N VAL D 317 -8.12 -22.62 -3.96
CA VAL D 317 -7.84 -21.32 -4.57
C VAL D 317 -7.28 -20.41 -3.49
N LEU D 318 -6.20 -19.70 -3.81
CA LEU D 318 -5.58 -18.79 -2.84
C LEU D 318 -6.35 -17.49 -2.72
N ALA D 319 -6.53 -16.78 -3.84
CA ALA D 319 -7.24 -15.51 -3.90
C ALA D 319 -6.54 -14.51 -2.97
N GLY D 320 -7.28 -13.50 -2.49
CA GLY D 320 -6.76 -12.56 -1.53
C GLY D 320 -6.11 -11.32 -2.13
N HIS D 321 -5.71 -11.36 -3.38
CA HIS D 321 -5.02 -10.24 -3.99
C HIS D 321 -5.99 -9.33 -4.74
N ASP D 322 -5.64 -8.06 -4.82
CA ASP D 322 -6.47 -7.06 -5.49
C ASP D 322 -6.12 -6.90 -6.96
N ASN D 323 -4.88 -7.17 -7.34
CA ASN D 323 -4.45 -7.01 -8.72
C ASN D 323 -3.79 -8.27 -9.25
N ARG D 324 -3.22 -8.19 -10.46
CA ARG D 324 -2.65 -9.35 -11.11
C ARG D 324 -1.47 -9.90 -10.32
N VAL D 325 -1.46 -11.21 -10.11
CA VAL D 325 -0.34 -11.88 -9.45
C VAL D 325 0.81 -12.00 -10.44
N SER D 326 1.95 -11.41 -10.09
CA SER D 326 3.08 -11.34 -11.01
C SER D 326 4.21 -12.30 -10.67
N CYS D 327 4.24 -12.83 -9.46
CA CYS D 327 5.35 -13.70 -9.06
C CYS D 327 4.90 -14.65 -7.97
N LEU D 328 5.43 -15.86 -8.00
CA LEU D 328 5.18 -16.88 -6.99
C LEU D 328 6.51 -17.37 -6.44
N GLY D 329 6.46 -17.85 -5.20
CA GLY D 329 7.65 -18.39 -4.56
C GLY D 329 7.34 -19.42 -3.51
N VAL D 330 7.97 -20.58 -3.60
CA VAL D 330 7.82 -21.65 -2.62
C VAL D 330 9.16 -21.87 -1.95
N THR D 331 9.16 -21.82 -0.62
CA THR D 331 10.41 -21.96 0.12
C THR D 331 11.04 -23.33 -0.10
N ASP D 332 12.32 -23.44 0.22
CA ASP D 332 13.05 -24.67 -0.05
C ASP D 332 12.50 -25.84 0.77
N ASP D 333 12.10 -25.58 2.00
CA ASP D 333 11.51 -26.63 2.82
C ASP D 333 10.03 -26.83 2.55
N GLY D 334 9.42 -25.98 1.71
CA GLY D 334 8.00 -26.08 1.43
C GLY D 334 7.10 -25.52 2.51
N MET D 335 7.65 -24.83 3.51
CA MET D 335 6.85 -24.36 4.63
C MET D 335 5.89 -23.25 4.24
N ALA D 336 6.13 -22.53 3.15
CA ALA D 336 5.30 -21.39 2.83
C ALA D 336 5.29 -21.15 1.32
N VAL D 337 4.26 -20.42 0.88
CA VAL D 337 4.14 -19.94 -0.48
C VAL D 337 3.87 -18.44 -0.40
N ALA D 338 4.70 -17.65 -1.07
CA ALA D 338 4.59 -16.20 -1.04
C ALA D 338 4.23 -15.69 -2.43
N THR D 339 3.24 -14.81 -2.50
CA THR D 339 2.73 -14.27 -3.74
C THR D 339 2.91 -12.76 -3.78
N GLY D 340 3.35 -12.25 -4.92
CA GLY D 340 3.47 -10.82 -5.13
C GLY D 340 2.62 -10.40 -6.30
N SER D 341 2.00 -9.23 -6.19
CA SER D 341 1.07 -8.76 -7.20
C SER D 341 1.34 -7.29 -7.49
N TRP D 342 0.50 -6.69 -8.33
CA TRP D 342 0.68 -5.32 -8.77
C TRP D 342 0.13 -4.28 -7.78
N ASP D 343 -0.52 -4.72 -6.70
CA ASP D 343 -1.01 -3.81 -5.68
C ASP D 343 0.03 -3.52 -4.59
N SER D 344 1.30 -3.79 -4.87
CA SER D 344 2.41 -3.52 -3.96
C SER D 344 2.22 -4.20 -2.60
N PHE D 345 1.71 -5.44 -2.63
CA PHE D 345 1.55 -6.22 -1.40
C PHE D 345 2.00 -7.65 -1.65
N LEU D 346 2.81 -8.18 -0.74
CA LEU D 346 3.22 -9.57 -0.74
C LEU D 346 2.50 -10.31 0.38
N LYS D 347 1.94 -11.47 0.05
CA LYS D 347 1.21 -12.27 1.02
C LYS D 347 1.82 -13.66 1.11
N ILE D 348 2.06 -14.13 2.32
CA ILE D 348 2.68 -15.43 2.57
C ILE D 348 1.59 -16.39 3.02
N TRP D 349 1.53 -17.55 2.38
CA TRP D 349 0.46 -18.51 2.61
C TRP D 349 1.02 -19.81 3.16
N ASN D 350 0.21 -20.49 3.95
CA ASN D 350 0.60 -21.76 4.56
C ASN D 350 -0.62 -22.61 4.86
N ILE E 9 20.49 -18.69 -47.44
CA ILE E 9 21.01 -20.01 -47.75
C ILE E 9 21.98 -20.47 -46.66
N ALA E 10 22.62 -19.50 -46.01
CA ALA E 10 23.55 -19.78 -44.93
C ALA E 10 22.90 -19.72 -43.55
N GLN E 11 21.61 -19.41 -43.47
CA GLN E 11 20.91 -19.31 -42.20
C GLN E 11 20.19 -20.58 -41.81
N ALA E 12 19.70 -21.35 -42.77
CA ALA E 12 18.98 -22.58 -42.50
C ALA E 12 19.90 -23.80 -42.39
N ARG E 13 21.20 -23.63 -42.59
CA ARG E 13 22.12 -24.76 -42.51
C ARG E 13 22.23 -25.29 -41.09
N LYS E 14 22.22 -24.39 -40.10
CA LYS E 14 22.32 -24.81 -38.70
C LYS E 14 21.03 -25.41 -38.18
N LEU E 15 19.89 -25.01 -38.75
CA LEU E 15 18.60 -25.53 -38.26
C LEU E 15 18.48 -27.04 -38.49
N VAL E 16 18.88 -27.52 -39.66
CA VAL E 16 18.79 -28.94 -39.94
C VAL E 16 19.77 -29.72 -39.07
N GLU E 17 20.94 -29.15 -38.79
CA GLU E 17 21.87 -29.80 -37.87
C GLU E 17 21.29 -29.88 -36.47
N GLN E 18 20.61 -28.82 -36.02
CA GLN E 18 19.91 -28.87 -34.75
C GLN E 18 18.85 -29.97 -34.75
N LEU E 19 18.15 -30.13 -35.87
CA LEU E 19 17.15 -31.19 -35.97
C LEU E 19 17.79 -32.58 -35.91
N LYS E 20 18.96 -32.75 -36.54
CA LYS E 20 19.71 -34.00 -36.38
C LYS E 20 20.06 -34.25 -34.92
N MET E 21 20.52 -33.21 -34.23
CA MET E 21 20.90 -33.37 -32.82
C MET E 21 19.70 -33.74 -31.97
N GLU E 22 18.55 -33.12 -32.24
CA GLU E 22 17.35 -33.37 -31.43
C GLU E 22 16.70 -34.71 -31.75
N ALA E 23 16.84 -35.20 -32.99
CA ALA E 23 16.15 -36.42 -33.39
C ALA E 23 16.73 -37.64 -32.69
N ASN E 24 18.05 -37.70 -32.54
CA ASN E 24 18.72 -38.86 -31.96
C ASN E 24 18.83 -38.66 -30.45
N ILE E 25 17.75 -39.01 -29.76
CA ILE E 25 17.68 -38.96 -28.30
C ILE E 25 17.11 -40.29 -27.82
N ASP E 26 17.73 -40.84 -26.77
CA ASP E 26 17.26 -42.11 -26.22
C ASP E 26 15.93 -41.93 -25.50
N ARG E 27 14.84 -42.16 -26.21
CA ARG E 27 13.52 -41.93 -25.66
C ARG E 27 13.05 -43.11 -24.81
N ILE E 28 12.17 -42.81 -23.85
CA ILE E 28 11.66 -43.78 -22.90
C ILE E 28 10.14 -43.69 -22.91
N LYS E 29 9.49 -44.85 -22.83
CA LYS E 29 8.03 -44.90 -22.87
C LYS E 29 7.42 -44.04 -21.78
N VAL E 30 6.34 -43.33 -22.13
CA VAL E 30 5.71 -42.40 -21.20
C VAL E 30 5.15 -43.10 -19.98
N SER E 31 4.81 -44.39 -20.10
CA SER E 31 4.31 -45.13 -18.95
C SER E 31 5.36 -45.22 -17.86
N LYS E 32 6.60 -45.55 -18.23
CA LYS E 32 7.67 -45.64 -17.24
C LYS E 32 7.99 -44.29 -16.62
N ALA E 33 8.01 -43.23 -17.44
CA ALA E 33 8.29 -41.91 -16.92
C ALA E 33 7.20 -41.44 -15.96
N ALA E 34 5.94 -41.67 -16.31
CA ALA E 34 4.84 -41.32 -15.41
C ALA E 34 4.91 -42.14 -14.12
N ALA E 35 5.28 -43.42 -14.23
CA ALA E 35 5.44 -44.25 -13.04
C ALA E 35 6.55 -43.71 -12.15
N ASP E 36 7.65 -43.27 -12.74
CA ASP E 36 8.75 -42.70 -11.95
C ASP E 36 8.32 -41.42 -11.25
N LEU E 37 7.59 -40.55 -11.97
CA LEU E 37 7.09 -39.33 -11.36
C LEU E 37 6.14 -39.64 -10.20
N MET E 38 5.24 -40.60 -10.40
CA MET E 38 4.35 -41.02 -9.32
C MET E 38 5.12 -41.57 -8.14
N ALA E 39 6.15 -42.38 -8.40
CA ALA E 39 6.94 -42.96 -7.33
C ALA E 39 7.64 -41.89 -6.51
N TYR E 40 8.21 -40.89 -7.18
CA TYR E 40 8.84 -39.79 -6.43
C TYR E 40 7.81 -39.01 -5.63
N CYS E 41 6.67 -38.68 -6.25
CA CYS E 41 5.67 -37.88 -5.57
C CYS E 41 5.02 -38.60 -4.40
N GLU E 42 5.01 -39.94 -4.42
CA GLU E 42 4.49 -40.70 -3.30
C GLU E 42 5.55 -40.97 -2.25
N ALA E 43 6.82 -41.16 -2.64
CA ALA E 43 7.88 -41.40 -1.68
C ALA E 43 8.16 -40.15 -0.85
N HIS E 44 8.32 -39.01 -1.50
CA HIS E 44 8.61 -37.77 -0.77
C HIS E 44 7.33 -37.01 -0.41
N ALA E 45 6.36 -37.72 0.17
CA ALA E 45 5.08 -37.12 0.49
C ALA E 45 4.92 -36.76 1.97
N LYS E 46 5.69 -37.39 2.85
CA LYS E 46 5.59 -37.12 4.28
C LYS E 46 6.31 -35.84 4.68
N GLU E 47 7.09 -35.23 3.79
CA GLU E 47 7.87 -34.05 4.10
C GLU E 47 7.33 -32.80 3.41
N ASP E 48 6.03 -32.76 3.13
CA ASP E 48 5.43 -31.62 2.46
C ASP E 48 4.52 -30.88 3.43
N PRO E 49 4.92 -29.69 3.90
CA PRO E 49 4.05 -28.92 4.79
C PRO E 49 2.84 -28.29 4.10
N LEU E 50 2.71 -28.45 2.78
CA LEU E 50 1.60 -27.91 2.03
C LEU E 50 0.54 -28.96 1.72
N LEU E 51 0.95 -30.14 1.24
CA LEU E 51 0.00 -31.20 0.95
C LEU E 51 -0.69 -31.67 2.23
N THR E 52 0.08 -31.87 3.30
CA THR E 52 -0.45 -32.24 4.60
C THR E 52 -0.21 -31.10 5.57
N PRO E 53 -1.25 -30.49 6.15
CA PRO E 53 -1.04 -29.36 7.05
C PRO E 53 -0.16 -29.73 8.23
N VAL E 54 0.76 -28.83 8.57
CA VAL E 54 1.70 -29.05 9.66
C VAL E 54 1.00 -28.75 10.98
N PRO E 55 1.34 -29.42 12.07
CA PRO E 55 0.80 -29.02 13.38
C PRO E 55 1.21 -27.60 13.74
N ALA E 56 0.32 -26.92 14.47
CA ALA E 56 0.55 -25.52 14.81
C ALA E 56 1.79 -25.31 15.66
N SER E 57 2.28 -26.36 16.33
CA SER E 57 3.49 -26.24 17.13
C SER E 57 4.75 -26.17 16.28
N GLU E 58 4.70 -26.66 15.04
CA GLU E 58 5.86 -26.67 14.15
C GLU E 58 5.64 -25.77 12.93
N ASN E 59 4.85 -24.72 13.09
CA ASN E 59 4.57 -23.78 12.01
C ASN E 59 5.18 -22.43 12.35
N PRO E 60 6.35 -22.08 11.80
CA PRO E 60 6.97 -20.78 12.12
C PRO E 60 6.14 -19.58 11.70
N PHE E 61 5.26 -19.74 10.72
CA PHE E 61 4.44 -18.63 10.25
C PHE E 61 3.10 -18.58 10.98
N ASP F 1 39.58 1.28 3.80
CA ASP F 1 39.93 0.66 5.07
C ASP F 1 39.09 1.21 6.21
N VAL F 2 38.49 0.29 6.98
CA VAL F 2 37.74 0.69 8.17
C VAL F 2 38.72 1.05 9.28
N GLN F 3 38.53 2.23 9.87
CA GLN F 3 39.44 2.71 10.90
C GLN F 3 38.67 3.54 11.91
N LEU F 4 38.80 3.19 13.19
CA LEU F 4 38.26 3.96 14.29
C LEU F 4 39.42 4.46 15.14
N VAL F 5 39.58 5.78 15.20
CA VAL F 5 40.64 6.40 15.97
C VAL F 5 40.01 7.45 16.88
N GLU F 6 40.39 7.44 18.16
CA GLU F 6 39.80 8.31 19.15
C GLU F 6 40.88 9.01 19.95
N SER F 7 40.59 10.24 20.38
CA SER F 7 41.52 11.07 21.11
C SER F 7 40.79 11.82 22.21
N GLY F 8 41.56 12.36 23.15
CA GLY F 8 40.99 13.09 24.26
C GLY F 8 41.48 12.60 25.60
N GLY F 9 42.24 11.51 25.61
CA GLY F 9 42.75 10.96 26.85
C GLY F 9 43.90 11.77 27.42
N GLY F 10 44.20 11.49 28.68
CA GLY F 10 45.27 12.19 29.37
C GLY F 10 45.02 12.19 30.86
N LEU F 11 45.87 12.93 31.56
CA LEU F 11 45.80 13.05 33.01
C LEU F 11 44.85 14.17 33.38
N VAL F 12 43.85 13.85 34.21
CA VAL F 12 42.86 14.82 34.67
C VAL F 12 42.72 14.71 36.17
N GLN F 13 42.34 15.82 36.80
CA GLN F 13 42.11 15.85 38.23
C GLN F 13 40.69 15.36 38.54
N PRO F 14 40.47 14.83 39.75
CA PRO F 14 39.12 14.41 40.13
C PRO F 14 38.16 15.60 40.14
N GLY F 15 36.92 15.33 39.71
CA GLY F 15 35.90 16.35 39.65
C GLY F 15 35.85 17.14 38.36
N GLY F 16 36.81 16.94 37.46
CA GLY F 16 36.83 17.64 36.20
C GLY F 16 35.95 16.98 35.15
N SER F 17 35.91 17.61 33.98
CA SER F 17 35.13 17.13 32.86
C SER F 17 36.03 16.96 31.65
N ARG F 18 35.85 15.83 30.94
CA ARG F 18 36.63 15.54 29.75
C ARG F 18 35.73 14.93 28.70
N LYS F 19 36.01 15.24 27.43
CA LYS F 19 35.25 14.74 26.29
C LYS F 19 36.17 13.91 25.40
N LEU F 20 35.69 12.75 24.98
CA LEU F 20 36.42 11.87 24.08
C LEU F 20 35.70 11.80 22.75
N SER F 21 36.44 11.92 21.66
CA SER F 21 35.88 11.91 20.31
C SER F 21 36.36 10.67 19.57
N CYS F 22 35.43 9.89 19.04
CA CYS F 22 35.73 8.69 18.26
C CYS F 22 35.42 9.00 16.80
N SER F 23 36.46 9.27 16.01
CA SER F 23 36.30 9.61 14.61
C SER F 23 36.36 8.34 13.75
N ALA F 24 35.38 8.18 12.87
CA ALA F 24 35.26 7.01 12.04
C ALA F 24 35.48 7.37 10.57
N SER F 25 36.14 6.49 9.83
CA SER F 25 36.42 6.72 8.42
C SER F 25 36.61 5.38 7.74
N GLY F 26 35.67 5.00 6.86
CA GLY F 26 35.81 3.76 6.12
C GLY F 26 34.56 2.92 6.09
N PHE F 27 33.46 3.44 6.63
CA PHE F 27 32.19 2.72 6.62
C PHE F 27 31.05 3.72 6.78
N ALA F 28 29.83 3.24 6.52
CA ALA F 28 28.65 4.07 6.67
C ALA F 28 28.35 4.30 8.15
N PHE F 29 28.83 5.42 8.69
CA PHE F 29 28.72 5.65 10.13
C PHE F 29 27.27 5.74 10.57
N SER F 30 26.41 6.35 9.75
CA SER F 30 25.03 6.58 10.15
C SER F 30 24.22 5.29 10.33
N SER F 31 24.72 4.16 9.84
CA SER F 31 24.00 2.90 9.90
C SER F 31 24.52 1.95 10.97
N PHE F 32 25.45 2.39 11.80
CA PHE F 32 26.08 1.53 12.79
C PHE F 32 25.80 2.06 14.20
N GLY F 33 25.29 1.19 15.06
CA GLY F 33 25.19 1.53 16.48
C GLY F 33 26.56 1.44 17.11
N MET F 34 26.93 2.46 17.88
CA MET F 34 28.26 2.59 18.42
C MET F 34 28.25 2.44 19.94
N HIS F 35 29.27 1.78 20.47
CA HIS F 35 29.41 1.54 21.89
C HIS F 35 30.64 2.26 22.43
N TRP F 36 30.80 2.20 23.75
CA TRP F 36 32.02 2.59 24.44
C TRP F 36 32.34 1.51 25.45
N VAL F 37 33.54 0.94 25.36
CA VAL F 37 33.98 -0.11 26.26
C VAL F 37 35.30 0.32 26.88
N ARG F 38 35.39 0.27 28.21
CA ARG F 38 36.59 0.67 28.92
C ARG F 38 37.23 -0.54 29.57
N GLN F 39 38.56 -0.54 29.62
CA GLN F 39 39.34 -1.63 30.21
C GLN F 39 40.24 -1.04 31.28
N ALA F 40 39.97 -1.38 32.53
CA ALA F 40 40.82 -0.93 33.62
C ALA F 40 42.19 -1.57 33.52
N PRO F 41 43.21 -0.93 34.08
CA PRO F 41 44.57 -1.51 34.01
C PRO F 41 44.62 -2.91 34.60
N GLU F 42 45.02 -3.87 33.77
CA GLU F 42 45.20 -5.28 34.14
C GLU F 42 44.04 -5.83 34.96
N LYS F 43 42.83 -5.37 34.65
CA LYS F 43 41.63 -5.89 35.31
C LYS F 43 40.65 -6.52 34.33
N GLY F 44 40.36 -5.88 33.20
CA GLY F 44 39.46 -6.47 32.23
C GLY F 44 38.47 -5.50 31.63
N LEU F 45 37.78 -5.93 30.58
CA LEU F 45 36.86 -5.06 29.86
C LEU F 45 35.58 -4.84 30.68
N GLU F 46 34.90 -3.75 30.37
CA GLU F 46 33.65 -3.41 31.03
C GLU F 46 32.86 -2.45 30.14
N TRP F 47 31.58 -2.74 29.96
CA TRP F 47 30.73 -1.93 29.09
C TRP F 47 30.39 -0.60 29.76
N VAL F 48 30.26 0.44 28.95
CA VAL F 48 30.04 1.80 29.46
C VAL F 48 28.75 2.40 28.91
N ALA F 49 28.68 2.56 27.59
CA ALA F 49 27.55 3.26 26.99
C ALA F 49 27.31 2.72 25.58
N TYR F 50 26.11 2.99 25.07
CA TYR F 50 25.72 2.55 23.74
C TYR F 50 24.68 3.51 23.18
N ILE F 51 24.87 3.89 21.91
CA ILE F 51 23.93 4.76 21.20
C ILE F 51 23.54 4.07 19.89
N SER F 52 22.24 4.03 19.61
CA SER F 52 21.74 3.29 18.46
C SER F 52 21.96 4.10 17.18
N SER F 53 21.42 3.61 16.06
CA SER F 53 21.51 4.33 14.80
C SER F 53 20.51 5.47 14.79
N GLY F 54 20.99 6.67 14.44
CA GLY F 54 20.14 7.84 14.47
C GLY F 54 19.90 8.41 15.84
N SER F 55 20.70 8.00 16.83
CA SER F 55 20.57 8.50 18.21
C SER F 55 19.19 8.23 18.78
N GLY F 56 18.58 7.11 18.41
CA GLY F 56 17.25 6.78 18.89
C GLY F 56 17.24 6.21 20.29
N THR F 57 17.94 5.09 20.49
CA THR F 57 17.98 4.41 21.78
C THR F 57 19.37 4.54 22.37
N ILE F 58 19.46 4.99 23.62
CA ILE F 58 20.72 5.17 24.32
C ILE F 58 20.62 4.50 25.68
N TYR F 59 21.66 3.75 26.04
CA TYR F 59 21.73 3.06 27.32
C TYR F 59 23.00 3.47 28.04
N TYR F 60 23.05 3.21 29.34
CA TYR F 60 24.22 3.50 30.15
C TYR F 60 24.42 2.39 31.16
N ALA F 61 25.68 2.20 31.57
CA ALA F 61 25.99 1.25 32.63
C ALA F 61 25.49 1.79 33.97
N ASP F 62 25.16 0.87 34.87
CA ASP F 62 24.67 1.26 36.18
C ASP F 62 25.73 1.99 36.99
N THR F 63 27.01 1.72 36.71
CA THR F 63 28.08 2.39 37.45
C THR F 63 28.14 3.88 37.14
N VAL F 64 27.89 4.26 35.88
CA VAL F 64 28.05 5.64 35.44
C VAL F 64 26.73 6.17 34.90
N LYS F 65 25.61 5.64 35.37
CA LYS F 65 24.31 6.11 34.93
C LYS F 65 24.05 7.51 35.46
N GLY F 66 23.66 8.42 34.57
CA GLY F 66 23.40 9.80 34.92
C GLY F 66 24.62 10.66 35.07
N ARG F 67 25.83 10.11 34.87
CA ARG F 67 27.07 10.84 34.99
C ARG F 67 27.76 11.09 33.66
N PHE F 68 27.63 10.17 32.71
CA PHE F 68 28.22 10.29 31.39
C PHE F 68 27.15 10.73 30.38
N THR F 69 27.62 11.36 29.30
CA THR F 69 26.74 11.76 28.22
C THR F 69 27.38 11.37 26.90
N ILE F 70 26.62 10.68 26.05
CA ILE F 70 27.09 10.22 24.75
C ILE F 70 26.30 10.92 23.66
N SER F 71 26.98 11.36 22.62
CA SER F 71 26.35 12.10 21.53
C SER F 71 26.90 11.61 20.20
N ARG F 72 26.10 11.77 19.16
CA ARG F 72 26.41 11.28 17.83
C ARG F 72 26.30 12.42 16.83
N ASP F 73 27.30 12.56 15.96
CA ASP F 73 27.34 13.60 14.94
C ASP F 73 27.42 12.91 13.59
N ASP F 74 26.26 12.56 13.03
CA ASP F 74 26.24 11.75 11.82
C ASP F 74 26.90 12.43 10.63
N PRO F 75 26.70 13.73 10.34
CA PRO F 75 27.30 14.32 9.15
C PRO F 75 28.82 14.32 9.30
N LYS F 76 29.32 14.64 10.49
CA LYS F 76 30.75 14.78 10.71
C LYS F 76 31.46 13.44 10.89
N ASN F 77 30.71 12.34 11.04
CA ASN F 77 31.28 11.01 11.30
C ASN F 77 32.17 11.05 12.54
N THR F 78 31.58 11.49 13.66
CA THR F 78 32.29 11.60 14.93
C THR F 78 31.37 11.18 16.06
N LEU F 79 31.91 10.42 17.01
CA LEU F 79 31.19 9.96 18.18
C LEU F 79 31.86 10.52 19.43
N PHE F 80 31.06 11.10 20.32
CA PHE F 80 31.57 11.78 21.51
C PHE F 80 31.16 11.05 22.77
N LEU F 81 31.74 11.50 23.89
CA LEU F 81 31.39 10.99 25.21
C LEU F 81 31.74 12.06 26.23
N GLN F 82 30.73 12.67 26.84
CA GLN F 82 30.93 13.74 27.80
C GLN F 82 30.73 13.20 29.22
N MET F 83 31.73 13.41 30.08
CA MET F 83 31.70 12.94 31.46
C MET F 83 31.73 14.13 32.39
N THR F 84 30.81 14.17 33.35
CA THR F 84 30.68 15.34 34.22
C THR F 84 31.69 15.30 35.37
N SER F 85 31.64 14.27 36.20
CA SER F 85 32.52 14.13 37.34
C SER F 85 33.27 12.82 37.25
N LEU F 86 34.59 12.87 37.46
CA LEU F 86 35.46 11.71 37.34
C LEU F 86 36.03 11.35 38.70
N ARG F 87 35.85 10.09 39.09
CA ARG F 87 36.45 9.57 40.32
C ARG F 87 37.79 8.95 39.99
N SER F 88 38.40 8.26 40.96
CA SER F 88 39.62 7.52 40.73
C SER F 88 39.37 6.16 40.10
N GLU F 89 38.11 5.74 40.00
CA GLU F 89 37.76 4.46 39.39
C GLU F 89 37.47 4.56 37.90
N ASP F 90 37.51 5.76 37.33
CA ASP F 90 37.24 5.95 35.91
C ASP F 90 38.49 5.84 35.05
N THR F 91 39.68 5.70 35.64
CA THR F 91 40.90 5.58 34.87
C THR F 91 40.94 4.22 34.16
N ALA F 92 41.01 4.25 32.84
CA ALA F 92 40.97 3.05 32.03
C ALA F 92 41.28 3.41 30.59
N MET F 93 41.46 2.38 29.77
CA MET F 93 41.68 2.53 28.34
C MET F 93 40.33 2.38 27.65
N TYR F 94 39.87 3.46 27.01
CA TYR F 94 38.53 3.49 26.43
C TYR F 94 38.58 3.07 24.97
N TYR F 95 37.71 2.12 24.60
CA TYR F 95 37.64 1.59 23.25
C TYR F 95 36.35 2.03 22.58
N CYS F 96 36.40 2.16 21.26
CA CYS F 96 35.25 2.54 20.45
C CYS F 96 34.92 1.36 19.54
N VAL F 97 33.68 0.87 19.62
CA VAL F 97 33.27 -0.36 18.94
C VAL F 97 32.02 -0.08 18.13
N ARG F 98 32.00 -0.56 16.88
CA ARG F 98 30.84 -0.44 16.02
C ARG F 98 29.97 -1.69 16.12
N SER F 99 28.68 -1.52 15.86
CA SER F 99 27.72 -2.61 16.02
C SER F 99 26.54 -2.36 15.11
N ILE F 100 26.32 -3.25 14.15
CA ILE F 100 25.17 -3.18 13.26
C ILE F 100 24.29 -4.39 13.52
N TYR F 101 23.00 -4.15 13.74
CA TYR F 101 22.06 -5.21 14.13
C TYR F 101 21.03 -5.42 13.02
N TYR F 102 20.98 -6.64 12.50
CA TYR F 102 19.88 -7.13 11.69
C TYR F 102 19.99 -8.65 11.68
N TYR F 103 19.19 -9.30 10.84
CA TYR F 103 19.18 -10.76 10.82
C TYR F 103 20.48 -11.27 10.20
N GLY F 104 21.38 -11.77 11.05
CA GLY F 104 22.61 -12.35 10.58
C GLY F 104 23.80 -11.42 10.51
N SER F 105 23.82 -10.37 11.32
CA SER F 105 24.91 -9.40 11.32
C SER F 105 25.94 -9.74 12.40
N SER F 106 27.09 -9.09 12.31
CA SER F 106 28.18 -9.27 13.27
C SER F 106 28.32 -8.00 14.09
N PRO F 107 27.78 -7.96 15.31
CA PRO F 107 27.63 -6.68 16.01
C PRO F 107 28.78 -6.25 16.92
N PHE F 108 29.93 -6.92 16.84
CA PHE F 108 31.07 -6.44 17.62
C PHE F 108 32.38 -6.62 16.84
N ASP F 109 32.31 -6.49 15.51
CA ASP F 109 33.41 -6.92 14.66
C ASP F 109 34.65 -6.05 14.81
N PHE F 110 34.49 -4.72 14.83
CA PHE F 110 35.63 -3.82 14.79
C PHE F 110 35.74 -3.02 16.08
N TRP F 111 36.96 -2.89 16.58
CA TRP F 111 37.26 -2.18 17.81
C TRP F 111 38.25 -1.07 17.55
N GLY F 112 38.12 0.02 18.32
CA GLY F 112 39.04 1.13 18.18
C GLY F 112 40.41 0.82 18.76
N GLN F 113 41.36 1.71 18.44
CA GLN F 113 42.73 1.51 18.90
C GLN F 113 42.89 1.73 20.39
N GLY F 114 41.93 2.38 21.04
CA GLY F 114 42.01 2.60 22.47
C GLY F 114 42.67 3.92 22.85
N THR F 115 42.07 4.65 23.78
CA THR F 115 42.64 5.87 24.32
C THR F 115 42.78 5.73 25.84
N THR F 116 43.91 6.17 26.36
CA THR F 116 44.23 6.02 27.77
C THR F 116 43.84 7.27 28.54
N LEU F 117 43.04 7.09 29.59
CA LEU F 117 42.61 8.19 30.46
C LEU F 117 43.04 7.88 31.88
N THR F 118 43.71 8.85 32.52
CA THR F 118 44.24 8.69 33.86
C THR F 118 43.67 9.76 34.77
N VAL F 119 43.29 9.37 35.98
CA VAL F 119 42.79 10.29 37.00
C VAL F 119 43.72 10.19 38.21
N SER F 120 44.29 11.31 38.60
CA SER F 120 45.18 11.33 39.76
C SER F 120 44.38 11.18 41.05
N SER F 121 45.07 10.69 42.08
CA SER F 121 44.46 10.50 43.39
C SER F 121 44.39 11.81 44.16
N SER F 136 20.35 -9.28 39.75
CA SER F 136 19.93 -8.22 38.84
C SER F 136 20.56 -8.40 37.46
N ASP F 137 21.86 -8.18 37.38
CA ASP F 137 22.60 -8.32 36.13
C ASP F 137 23.05 -9.76 35.93
N ILE F 138 23.37 -10.09 34.68
CA ILE F 138 23.85 -11.42 34.34
C ILE F 138 25.34 -11.50 34.64
N VAL F 139 25.73 -12.49 35.43
CA VAL F 139 27.11 -12.64 35.87
C VAL F 139 27.78 -13.74 35.06
N MET F 140 28.85 -13.39 34.35
CA MET F 140 29.63 -14.34 33.57
C MET F 140 30.94 -14.60 34.30
N THR F 141 31.22 -15.87 34.58
CA THR F 141 32.40 -16.27 35.34
C THR F 141 33.26 -17.19 34.50
N GLN F 142 34.57 -16.92 34.47
CA GLN F 142 35.54 -17.76 33.78
C GLN F 142 36.34 -18.54 34.81
N ALA F 143 36.43 -19.85 34.63
CA ALA F 143 36.97 -20.73 35.66
C ALA F 143 38.45 -20.45 35.92
N THR F 144 39.24 -20.27 34.88
CA THR F 144 40.69 -20.20 35.00
C THR F 144 41.20 -18.88 34.45
N SER F 145 42.20 -18.31 35.12
CA SER F 145 42.76 -17.02 34.73
C SER F 145 44.03 -17.14 33.89
N SER F 146 44.71 -18.28 33.91
CA SER F 146 45.94 -18.44 33.15
C SER F 146 46.12 -19.90 32.77
N VAL F 147 46.37 -20.15 31.49
CA VAL F 147 46.55 -21.52 30.98
C VAL F 147 47.82 -21.58 30.14
N PRO F 148 48.87 -22.24 30.62
CA PRO F 148 50.06 -22.45 29.77
C PRO F 148 49.86 -23.64 28.85
N VAL F 149 50.39 -23.51 27.62
CA VAL F 149 50.25 -24.56 26.63
C VAL F 149 51.31 -24.35 25.56
N THR F 150 51.68 -25.45 24.86
CA THR F 150 52.63 -25.52 23.76
C THR F 150 51.91 -25.48 22.42
N PRO F 151 52.56 -25.01 21.36
CA PRO F 151 51.91 -24.96 20.05
C PRO F 151 51.56 -26.36 19.55
N GLY F 152 50.46 -26.42 18.79
CA GLY F 152 49.98 -27.68 18.25
C GLY F 152 49.06 -28.47 19.16
N GLU F 153 48.78 -27.98 20.35
CA GLU F 153 47.92 -28.65 21.31
C GLU F 153 46.60 -27.90 21.44
N SER F 154 45.49 -28.64 21.34
CA SER F 154 44.17 -28.02 21.46
C SER F 154 43.95 -27.50 22.87
N VAL F 155 43.30 -26.35 22.96
CA VAL F 155 43.00 -25.69 24.23
C VAL F 155 41.50 -25.51 24.37
N SER F 156 40.99 -25.72 25.58
CA SER F 156 39.57 -25.57 25.87
C SER F 156 39.38 -24.42 26.85
N ILE F 157 38.55 -23.47 26.48
CA ILE F 157 38.21 -22.32 27.33
C ILE F 157 36.70 -22.33 27.54
N SER F 158 36.28 -22.22 28.81
CA SER F 158 34.87 -22.30 29.15
C SER F 158 34.51 -21.21 30.14
N CYS F 159 33.30 -20.69 30.01
CA CYS F 159 32.76 -19.73 30.96
C CYS F 159 31.26 -19.94 31.10
N ARG F 160 30.76 -19.75 32.32
CA ARG F 160 29.36 -19.98 32.64
C ARG F 160 28.60 -18.65 32.72
N SER F 161 27.28 -18.76 32.74
CA SER F 161 26.41 -17.60 32.88
C SER F 161 25.35 -17.90 33.92
N SER F 162 24.86 -16.84 34.58
CA SER F 162 23.85 -17.02 35.62
C SER F 162 22.52 -17.45 35.01
N LYS F 163 21.95 -16.62 34.13
CA LYS F 163 20.73 -17.01 33.44
C LYS F 163 21.05 -17.88 32.23
N SER F 164 20.00 -18.41 31.62
CA SER F 164 20.13 -19.17 30.38
C SER F 164 20.01 -18.20 29.21
N LEU F 165 21.13 -17.97 28.51
CA LEU F 165 21.14 -17.02 27.41
C LEU F 165 20.38 -17.51 26.18
N LEU F 166 19.98 -18.77 26.14
CA LEU F 166 19.23 -19.32 25.02
C LEU F 166 17.85 -18.69 24.99
N HIS F 167 17.65 -17.78 24.04
CA HIS F 167 16.38 -17.07 23.95
C HIS F 167 15.30 -17.98 23.36
N SER F 168 14.07 -17.47 23.35
CA SER F 168 12.94 -18.25 22.83
C SER F 168 13.02 -18.47 21.33
N ASN F 169 13.77 -17.63 20.62
CA ASN F 169 13.89 -17.75 19.17
C ASN F 169 14.99 -18.70 18.73
N GLY F 170 15.69 -19.34 19.67
CA GLY F 170 16.73 -20.29 19.36
C GLY F 170 18.11 -19.71 19.21
N ASN F 171 18.26 -18.39 19.26
CA ASN F 171 19.56 -17.74 19.16
C ASN F 171 20.10 -17.48 20.55
N THR F 172 21.33 -17.93 20.79
CA THR F 172 22.01 -17.71 22.06
C THR F 172 23.01 -16.58 21.90
N TYR F 173 22.89 -15.55 22.74
CA TYR F 173 23.70 -14.34 22.60
C TYR F 173 24.93 -14.47 23.48
N LEU F 174 25.97 -15.08 22.93
CA LEU F 174 27.27 -15.18 23.57
C LEU F 174 28.35 -14.80 22.57
N TYR F 175 29.28 -13.96 23.01
CA TYR F 175 30.32 -13.44 22.13
C TYR F 175 31.69 -13.73 22.74
N TRP F 176 32.61 -14.18 21.90
CA TRP F 176 33.97 -14.50 22.32
C TRP F 176 34.94 -13.53 21.65
N PHE F 177 35.73 -12.84 22.48
CA PHE F 177 36.66 -11.83 22.01
C PHE F 177 38.10 -12.27 22.30
N LEU F 178 39.02 -11.81 21.46
CA LEU F 178 40.44 -12.10 21.59
C LEU F 178 41.23 -10.81 21.65
N GLN F 179 42.10 -10.69 22.65
CA GLN F 179 42.95 -9.52 22.82
C GLN F 179 44.40 -9.95 22.86
N ARG F 180 45.12 -9.73 21.76
CA ARG F 180 46.55 -9.96 21.76
C ARG F 180 47.26 -8.91 22.62
N PRO F 181 48.44 -9.22 23.13
CA PRO F 181 49.16 -8.25 23.98
C PRO F 181 49.47 -6.97 23.22
N GLY F 182 49.07 -5.84 23.81
CA GLY F 182 49.33 -4.55 23.24
C GLY F 182 48.40 -4.13 22.12
N GLN F 183 47.38 -4.93 21.81
CA GLN F 183 46.46 -4.65 20.71
C GLN F 183 45.05 -4.47 21.26
N SER F 184 44.09 -4.34 20.34
CA SER F 184 42.68 -4.17 20.67
C SER F 184 41.93 -5.49 20.47
N PRO F 185 40.86 -5.71 21.24
CA PRO F 185 40.12 -6.97 21.12
C PRO F 185 39.51 -7.15 19.73
N GLN F 186 39.46 -8.40 19.28
CA GLN F 186 38.85 -8.77 18.01
C GLN F 186 37.82 -9.87 18.24
N LEU F 187 36.72 -9.79 17.52
CA LEU F 187 35.64 -10.75 17.65
C LEU F 187 35.98 -12.04 16.91
N LEU F 188 35.65 -13.17 17.54
CA LEU F 188 35.89 -14.50 16.95
C LEU F 188 34.58 -15.22 16.63
N ILE F 189 33.70 -15.38 17.62
CA ILE F 189 32.42 -16.04 17.46
C ILE F 189 31.35 -15.15 18.08
N TYR F 190 30.22 -14.98 17.40
CA TYR F 190 29.25 -14.01 17.88
C TYR F 190 27.96 -14.58 18.45
N ARG F 191 27.54 -15.79 18.11
CA ARG F 191 26.42 -16.40 18.84
C ARG F 191 26.78 -17.72 19.51
N MET F 192 27.06 -18.78 18.76
CA MET F 192 27.55 -20.00 19.39
C MET F 192 28.73 -20.62 18.65
N SER F 193 28.70 -20.60 17.31
CA SER F 193 29.78 -21.11 16.50
C SER F 193 29.96 -20.30 15.23
N ASN F 194 29.21 -19.21 15.07
CA ASN F 194 29.24 -18.39 13.87
C ASN F 194 30.58 -17.70 13.78
N LEU F 195 31.44 -18.19 12.90
CA LEU F 195 32.79 -17.65 12.77
C LEU F 195 32.74 -16.21 12.26
N ALA F 196 33.59 -15.36 12.83
CA ALA F 196 33.67 -13.98 12.39
C ALA F 196 34.31 -13.91 11.00
N SER F 197 34.42 -12.70 10.47
CA SER F 197 34.96 -12.48 9.14
C SER F 197 36.46 -12.33 9.21
N GLY F 198 37.19 -13.27 8.60
CA GLY F 198 38.62 -13.19 8.47
C GLY F 198 39.42 -13.97 9.50
N VAL F 199 38.79 -14.44 10.57
CA VAL F 199 39.51 -15.20 11.59
C VAL F 199 39.73 -16.62 11.07
N PRO F 200 40.79 -17.31 11.52
CA PRO F 200 41.06 -18.65 11.01
C PRO F 200 39.94 -19.62 11.38
N ASP F 201 39.75 -20.63 10.52
CA ASP F 201 38.69 -21.61 10.70
C ASP F 201 38.97 -22.62 11.82
N ARG F 202 40.17 -22.61 12.39
CA ARG F 202 40.49 -23.56 13.45
C ARG F 202 39.63 -23.32 14.69
N PHE F 203 39.12 -22.11 14.87
CA PHE F 203 38.25 -21.82 16.00
C PHE F 203 36.92 -22.56 15.88
N SER F 204 36.38 -22.93 17.04
CA SER F 204 35.06 -23.54 17.09
C SER F 204 34.47 -23.30 18.47
N GLY F 205 33.17 -23.03 18.51
CA GLY F 205 32.51 -22.75 19.77
C GLY F 205 31.27 -23.61 19.93
N SER F 206 30.92 -23.85 21.18
CA SER F 206 29.75 -24.66 21.53
C SER F 206 29.14 -24.10 22.80
N GLY F 207 28.16 -24.81 23.33
CA GLY F 207 27.50 -24.41 24.55
C GLY F 207 26.07 -24.92 24.58
N SER F 208 25.48 -24.90 25.78
CA SER F 208 24.11 -25.38 25.97
C SER F 208 23.52 -24.65 27.17
N GLY F 209 22.74 -23.60 26.90
CA GLY F 209 22.01 -22.91 27.94
C GLY F 209 22.84 -21.98 28.79
N THR F 210 23.68 -22.55 29.66
CA THR F 210 24.48 -21.76 30.58
C THR F 210 25.97 -22.08 30.57
N ALA F 211 26.37 -23.27 30.10
CA ALA F 211 27.77 -23.65 30.03
C ALA F 211 28.23 -23.61 28.58
N PHE F 212 29.31 -22.88 28.32
CA PHE F 212 29.81 -22.67 26.96
C PHE F 212 31.29 -22.99 26.92
N THR F 213 31.76 -23.41 25.74
CA THR F 213 33.15 -23.84 25.57
C THR F 213 33.69 -23.32 24.25
N LEU F 214 34.94 -22.88 24.27
CA LEU F 214 35.68 -22.49 23.08
C LEU F 214 36.89 -23.40 22.92
N THR F 215 37.06 -23.97 21.73
CA THR F 215 38.15 -24.87 21.44
C THR F 215 38.96 -24.35 20.25
N ILE F 216 40.28 -24.46 20.35
CA ILE F 216 41.19 -24.00 19.31
C ILE F 216 42.07 -25.18 18.92
N SER F 217 41.82 -25.77 17.76
CA SER F 217 42.62 -26.86 17.26
C SER F 217 43.84 -26.33 16.52
N ARG F 218 45.00 -26.96 16.75
CA ARG F 218 46.26 -26.58 16.12
C ARG F 218 46.61 -25.12 16.42
N LEU F 219 46.82 -24.85 17.71
CA LEU F 219 47.09 -23.49 18.15
C LEU F 219 48.40 -22.99 17.56
N GLU F 220 48.44 -21.70 17.23
CA GLU F 220 49.61 -21.06 16.66
C GLU F 220 50.22 -20.10 17.68
N ALA F 221 51.44 -19.63 17.37
CA ALA F 221 52.15 -18.74 18.28
C ALA F 221 51.54 -17.34 18.32
N GLU F 222 50.84 -16.93 17.27
CA GLU F 222 50.19 -15.63 17.22
C GLU F 222 48.83 -15.62 17.91
N ASP F 223 48.43 -16.74 18.51
CA ASP F 223 47.09 -16.91 19.07
C ASP F 223 47.04 -16.65 20.57
N VAL F 224 48.18 -16.33 21.20
CA VAL F 224 48.19 -16.11 22.64
C VAL F 224 47.54 -14.77 22.96
N GLY F 225 46.93 -14.68 24.14
CA GLY F 225 46.27 -13.45 24.56
C GLY F 225 45.26 -13.74 25.66
N VAL F 226 44.33 -12.81 25.83
CA VAL F 226 43.27 -12.90 26.83
C VAL F 226 41.94 -13.07 26.11
N TYR F 227 41.16 -14.08 26.52
CA TYR F 227 39.91 -14.43 25.84
C TYR F 227 38.75 -14.00 26.73
N TYR F 228 37.90 -13.12 26.21
CA TYR F 228 36.76 -12.58 26.93
C TYR F 228 35.47 -13.12 26.34
N CYS F 229 34.56 -13.55 27.20
CA CYS F 229 33.22 -13.97 26.78
C CYS F 229 32.20 -12.99 27.34
N MET F 230 31.34 -12.47 26.46
CA MET F 230 30.38 -11.43 26.80
C MET F 230 28.99 -11.87 26.39
N GLN F 231 27.99 -11.48 27.18
CA GLN F 231 26.60 -11.77 26.88
C GLN F 231 25.91 -10.52 26.34
N HIS F 232 25.04 -10.72 25.36
CA HIS F 232 24.29 -9.62 24.75
C HIS F 232 22.78 -9.81 24.89
N LEU F 233 22.35 -10.70 25.80
CA LEU F 233 20.93 -10.98 25.93
C LEU F 233 20.15 -9.77 26.42
N GLU F 234 20.70 -9.04 27.39
CA GLU F 234 19.99 -7.91 27.97
C GLU F 234 21.00 -6.95 28.58
N TYR F 235 20.74 -5.65 28.43
CA TYR F 235 21.63 -4.64 28.98
C TYR F 235 21.52 -4.60 30.50
N PRO F 236 22.61 -4.24 31.20
CA PRO F 236 23.93 -3.87 30.69
C PRO F 236 24.75 -5.08 30.27
N LEU F 237 25.54 -4.95 29.19
CA LEU F 237 26.39 -6.04 28.75
C LEU F 237 27.49 -6.28 29.78
N THR F 238 27.76 -7.55 30.07
CA THR F 238 28.75 -7.93 31.07
C THR F 238 29.78 -8.85 30.45
N PHE F 239 31.04 -8.61 30.77
CA PHE F 239 32.15 -9.41 30.28
C PHE F 239 32.61 -10.39 31.35
N GLY F 240 33.36 -11.40 30.92
CA GLY F 240 33.93 -12.36 31.84
C GLY F 240 35.18 -11.83 32.51
N ALA F 241 35.71 -12.64 33.44
CA ALA F 241 36.93 -12.26 34.13
C ALA F 241 38.11 -12.17 33.16
N GLY F 242 38.20 -13.12 32.24
CA GLY F 242 39.28 -13.11 31.26
C GLY F 242 40.27 -14.23 31.47
N THR F 243 40.39 -15.12 30.49
CA THR F 243 41.32 -16.23 30.53
C THR F 243 42.52 -15.91 29.65
N LYS F 244 43.71 -15.99 30.24
CA LYS F 244 44.95 -15.67 29.54
C LYS F 244 45.68 -16.95 29.14
N LEU F 245 46.14 -17.00 27.90
CA LEU F 245 46.91 -18.12 27.39
C LEU F 245 48.40 -17.84 27.54
N GLU F 246 49.14 -18.80 28.06
CA GLU F 246 50.56 -18.66 28.29
C GLU F 246 51.34 -19.63 27.41
N LEU F 247 52.54 -19.21 27.02
CA LEU F 247 53.39 -20.02 26.16
C LEU F 247 54.83 -20.02 26.66
#